data_1OCB
#
_entry.id   1OCB
#
_cell.length_a   49.763
_cell.length_b   155.681
_cell.length_c   51.218
_cell.angle_alpha   90.00
_cell.angle_beta   118.42
_cell.angle_gamma   90.00
#
_symmetry.space_group_name_H-M   'P 1 21 1'
#
loop_
_entity.id
_entity.type
_entity.pdbx_description
1 polymer 'CELLOBIOHYDROLASE II'
2 branched '4-amino-4-deoxy-alpha-D-glucopyranose-(1-4)-beta-D-glucopyranose-(1-4)-beta-D-glucopyranose-(1-4)-methyl 4-thio-beta-D-glucopyranoside'
3 branched 'beta-D-glucopyranose-(1-4)-beta-D-glucopyranose-(1-4)-methyl 4-thio-beta-D-glucopyranoside'
4 non-polymer 2-acetamido-2-deoxy-beta-D-glucopyranose
5 non-polymer GLYCEROL
6 non-polymer FLUORESCEINYLTHIOUREIDO
7 water water
#
_entity_poly.entity_id   1
_entity_poly.type   'polypeptide(L)'
_entity_poly.pdbx_seq_one_letter_code
;YNGNPFEGVQLWANNYYRSEVHTLAIPQITDPALRAAASAVAEVPSFQWLDRNVTVDTLLVQTLSEIREANQAGANPQYA
AQIVVYDLPDRDCAAAASNGEWAIANNGVNNYKAYINRIREILISFSDVRTILVIEPDSLANMVTNMNVPKCSGAASTYR
ELTIYALKQLDLPHVAMYMDAGHAGWLGWPANIQPAAELFAKIYEDAGKPRAVRGLATNVANYNAWSVSSPPPYTSPNPN
YDEKHYIEAFRPLLEARGFPAQFIVDQGRSGKQPTGQKEWGHWCNAIGTGFGMRPTANTGHQYVDAFVWVKPGGECDGTS
DTTAARYDYHCGLEDALKPAPEAGQWFNEYFIQLLRNANPPF
;
_entity_poly.pdbx_strand_id   A,B
#
# COMPACT_ATOMS: atom_id res chain seq x y z
N ASN A 2 9.71 -31.08 3.89
CA ASN A 2 10.85 -32.08 3.88
C ASN A 2 11.95 -31.81 2.83
N GLY A 3 11.62 -30.95 1.89
CA GLY A 3 12.57 -30.59 0.85
C GLY A 3 13.65 -29.67 1.31
N ASN A 4 14.85 -29.94 0.85
CA ASN A 4 15.92 -28.95 1.03
C ASN A 4 15.64 -27.77 0.07
N PRO A 5 15.40 -26.56 0.59
CA PRO A 5 15.08 -25.43 -0.28
C PRO A 5 16.23 -25.00 -1.19
N PHE A 6 17.44 -25.43 -0.88
CA PHE A 6 18.58 -25.16 -1.76
C PHE A 6 18.75 -26.14 -2.90
N GLU A 7 18.00 -27.23 -2.90
CA GLU A 7 18.06 -28.24 -3.98
C GLU A 7 17.08 -27.85 -5.10
N GLY A 8 17.52 -28.00 -6.35
CA GLY A 8 16.65 -27.74 -7.48
C GLY A 8 16.50 -26.31 -7.92
N VAL A 9 17.31 -25.43 -7.36
CA VAL A 9 17.28 -24.02 -7.70
C VAL A 9 18.72 -23.52 -7.86
N GLN A 10 18.86 -22.38 -8.53
CA GLN A 10 20.09 -21.62 -8.57
C GLN A 10 19.84 -20.48 -7.58
N LEU A 11 20.89 -20.01 -6.94
CA LEU A 11 20.79 -18.88 -6.05
C LEU A 11 21.01 -17.57 -6.77
N TRP A 12 20.06 -16.65 -6.64
CA TRP A 12 20.17 -15.32 -7.25
C TRP A 12 21.24 -14.51 -6.55
N ALA A 13 22.18 -13.94 -7.33
CA ALA A 13 23.13 -12.98 -6.81
C ALA A 13 22.53 -11.57 -6.94
N ASN A 14 22.34 -10.92 -5.83
CA ASN A 14 21.61 -9.67 -5.88
C ASN A 14 22.45 -8.52 -6.42
N ASN A 15 21.77 -7.50 -6.91
CA ASN A 15 22.49 -6.42 -7.57
C ASN A 15 23.09 -5.40 -6.60
N TYR A 16 22.78 -5.50 -5.32
CA TYR A 16 23.22 -4.51 -4.31
C TYR A 16 24.67 -4.77 -3.98
N TYR A 17 25.01 -6.03 -3.74
CA TYR A 17 26.39 -6.40 -3.52
C TYR A 17 27.21 -6.16 -4.82
N ARG A 18 26.65 -6.57 -5.95
CA ARG A 18 27.30 -6.29 -7.23
C ARG A 18 27.59 -4.83 -7.42
N SER A 19 26.61 -3.99 -7.10
CA SER A 19 26.81 -2.56 -7.25
C SER A 19 27.90 -2.00 -6.32
N GLU A 20 27.97 -2.48 -5.08
CA GLU A 20 29.03 -2.07 -4.17
C GLU A 20 30.38 -2.39 -4.76
N VAL A 21 30.54 -3.64 -5.20
CA VAL A 21 31.84 -4.04 -5.73
C VAL A 21 32.22 -3.23 -6.98
N HIS A 22 31.30 -3.07 -7.91
CA HIS A 22 31.58 -2.38 -9.15
C HIS A 22 31.67 -0.87 -9.09
N THR A 23 30.91 -0.23 -8.22
CA THR A 23 30.95 1.24 -8.15
C THR A 23 31.91 1.75 -7.09
N LEU A 24 32.21 0.96 -6.08
CA LEU A 24 33.04 1.40 -4.95
C LEU A 24 34.38 0.72 -4.92
N ALA A 25 34.39 -0.61 -5.05
CA ALA A 25 35.64 -1.37 -4.88
C ALA A 25 36.53 -1.36 -6.11
N ILE A 26 36.04 -1.84 -7.25
CA ILE A 26 36.81 -1.93 -8.44
C ILE A 26 37.50 -0.64 -8.90
N PRO A 27 36.82 0.51 -8.91
CA PRO A 27 37.49 1.75 -9.25
C PRO A 27 38.68 2.07 -8.34
N GLN A 28 38.73 1.52 -7.14
CA GLN A 28 39.87 1.69 -6.24
C GLN A 28 40.92 0.60 -6.29
N ILE A 29 40.71 -0.42 -7.11
CA ILE A 29 41.63 -1.58 -7.20
C ILE A 29 42.17 -1.56 -8.61
N THR A 30 43.43 -1.15 -8.77
CA THR A 30 44.13 -1.09 -10.06
C THR A 30 44.75 -2.42 -10.43
N ASP A 31 45.12 -3.17 -9.42
CA ASP A 31 45.83 -4.40 -9.63
C ASP A 31 44.99 -5.32 -10.53
N PRO A 32 45.53 -5.78 -11.67
CA PRO A 32 44.76 -6.62 -12.59
C PRO A 32 44.16 -7.88 -12.03
N ALA A 33 44.91 -8.62 -11.23
CA ALA A 33 44.35 -9.87 -10.68
C ALA A 33 43.28 -9.66 -9.63
N LEU A 34 43.47 -8.66 -8.76
CA LEU A 34 42.50 -8.32 -7.75
C LEU A 34 41.25 -7.77 -8.42
N ARG A 35 41.43 -7.00 -9.49
CA ARG A 35 40.25 -6.43 -10.20
C ARG A 35 39.40 -7.54 -10.80
N ALA A 36 40.06 -8.53 -11.41
CA ALA A 36 39.34 -9.66 -11.99
C ALA A 36 38.68 -10.53 -10.93
N ALA A 37 39.36 -10.68 -9.80
CA ALA A 37 38.82 -11.43 -8.67
C ALA A 37 37.61 -10.75 -8.07
N ALA A 38 37.66 -9.42 -7.99
CA ALA A 38 36.57 -8.64 -7.42
C ALA A 38 35.35 -8.80 -8.32
N SER A 39 35.56 -8.79 -9.64
CA SER A 39 34.43 -8.95 -10.56
C SER A 39 33.79 -10.36 -10.39
N ALA A 40 34.62 -11.37 -10.16
CA ALA A 40 34.08 -12.72 -9.95
C ALA A 40 33.35 -12.86 -8.63
N VAL A 41 33.85 -12.28 -7.53
CA VAL A 41 33.15 -12.43 -6.25
C VAL A 41 31.82 -11.69 -6.20
N ALA A 42 31.69 -10.67 -7.05
CA ALA A 42 30.46 -9.89 -7.17
C ALA A 42 29.31 -10.79 -7.58
N GLU A 43 29.61 -11.88 -8.27
CA GLU A 43 28.61 -12.85 -8.74
C GLU A 43 28.33 -14.03 -7.81
N VAL A 44 29.00 -14.10 -6.66
CA VAL A 44 28.73 -15.16 -5.71
C VAL A 44 27.44 -14.77 -4.97
N PRO A 45 26.43 -15.65 -4.94
CA PRO A 45 25.13 -15.27 -4.36
C PRO A 45 25.04 -15.29 -2.84
N SER A 46 25.25 -14.13 -2.25
CA SER A 46 25.13 -13.91 -0.84
C SER A 46 23.73 -13.39 -0.52
N PHE A 47 23.34 -13.52 0.74
CA PHE A 47 22.06 -13.02 1.22
C PHE A 47 21.95 -11.50 1.13
N GLN A 48 20.75 -11.04 0.84
CA GLN A 48 20.36 -9.65 0.90
C GLN A 48 19.71 -9.35 2.24
N TRP A 49 20.07 -8.24 2.87
CA TRP A 49 19.64 -7.98 4.23
C TRP A 49 18.57 -6.92 4.25
N LEU A 50 17.49 -7.14 5.00
CA LEU A 50 16.47 -6.12 5.25
C LEU A 50 16.80 -5.46 6.58
N ASP A 51 17.89 -4.69 6.57
CA ASP A 51 18.43 -4.09 7.79
C ASP A 51 17.74 -2.82 8.19
N ARG A 52 16.98 -2.21 7.28
CA ARG A 52 16.17 -1.03 7.59
C ARG A 52 14.75 -1.20 6.97
N ASN A 53 13.77 -0.56 7.56
CA ASN A 53 12.40 -0.73 7.10
C ASN A 53 12.21 -0.28 5.65
N VAL A 54 12.98 0.72 5.24
CA VAL A 54 12.83 1.31 3.90
C VAL A 54 13.09 0.28 2.80
N THR A 55 13.87 -0.76 3.12
CA THR A 55 14.28 -1.75 2.12
C THR A 55 13.12 -2.68 1.73
N VAL A 56 12.08 -2.74 2.52
CA VAL A 56 10.99 -3.71 2.32
C VAL A 56 10.25 -3.42 1.03
N ASP A 57 9.82 -2.19 0.84
CA ASP A 57 9.05 -1.88 -0.37
C ASP A 57 9.87 -1.47 -1.56
N THR A 58 11.19 -1.41 -1.38
CA THR A 58 12.09 -1.04 -2.45
C THR A 58 12.97 -2.19 -2.87
N LEU A 59 14.03 -2.46 -2.10
CA LEU A 59 15.00 -3.50 -2.50
C LEU A 59 14.49 -4.89 -2.49
N LEU A 60 13.60 -5.24 -1.54
CA LEU A 60 13.06 -6.57 -1.53
C LEU A 60 12.19 -6.80 -2.77
N VAL A 61 11.30 -5.85 -3.05
CA VAL A 61 10.44 -5.92 -4.23
C VAL A 61 11.30 -6.00 -5.50
N GLN A 62 12.34 -5.19 -5.58
CA GLN A 62 13.12 -5.16 -6.80
C GLN A 62 13.77 -6.53 -7.07
N THR A 63 14.35 -7.14 -6.05
CA THR A 63 15.00 -8.44 -6.21
C THR A 63 13.99 -9.49 -6.61
N LEU A 64 12.86 -9.51 -5.94
CA LEU A 64 11.87 -10.56 -6.24
C LEU A 64 11.33 -10.38 -7.64
N SER A 65 11.21 -9.11 -8.08
CA SER A 65 10.69 -8.81 -9.43
C SER A 65 11.68 -9.27 -10.51
N GLU A 66 12.96 -9.09 -10.22
CA GLU A 66 14.00 -9.56 -11.13
C GLU A 66 14.05 -11.08 -11.25
N ILE A 67 13.90 -11.76 -10.12
CA ILE A 67 13.90 -13.20 -10.11
C ILE A 67 12.69 -13.70 -10.89
N ARG A 68 11.53 -13.14 -10.64
CA ARG A 68 10.33 -13.53 -11.35
C ARG A 68 10.52 -13.43 -12.85
N GLU A 69 11.10 -12.31 -13.27
CA GLU A 69 11.32 -12.11 -14.70
C GLU A 69 12.27 -13.16 -15.32
N ALA A 70 13.33 -13.47 -14.58
CA ALA A 70 14.33 -14.46 -15.06
C ALA A 70 13.70 -15.85 -15.14
N ASN A 71 12.92 -16.19 -14.14
CA ASN A 71 12.26 -17.49 -14.12
C ASN A 71 11.20 -17.61 -15.22
N GLN A 72 10.41 -16.55 -15.43
CA GLN A 72 9.46 -16.52 -16.54
C GLN A 72 10.09 -16.65 -17.92
N ALA A 73 11.31 -16.16 -18.06
CA ALA A 73 12.06 -16.28 -19.31
C ALA A 73 12.68 -17.65 -19.51
N GLY A 74 12.64 -18.50 -18.50
CA GLY A 74 13.05 -19.89 -18.60
C GLY A 74 14.24 -20.36 -17.80
N ALA A 75 14.71 -19.55 -16.84
CA ALA A 75 15.87 -19.91 -16.07
C ALA A 75 15.74 -21.37 -15.54
N ASN A 76 16.77 -22.16 -15.79
CA ASN A 76 16.73 -23.56 -15.42
C ASN A 76 18.10 -23.96 -14.88
N PRO A 77 18.22 -24.29 -13.58
CA PRO A 77 17.14 -24.26 -12.59
C PRO A 77 16.59 -22.86 -12.33
N GLN A 78 15.35 -22.80 -11.82
CA GLN A 78 14.76 -21.53 -11.40
C GLN A 78 15.66 -20.88 -10.35
N TYR A 79 15.64 -19.54 -10.30
CA TYR A 79 16.33 -18.79 -9.24
C TYR A 79 15.49 -18.68 -7.97
N ALA A 80 16.17 -18.70 -6.82
CA ALA A 80 15.58 -18.51 -5.50
C ALA A 80 16.24 -17.31 -4.83
N ALA A 81 15.49 -16.67 -3.96
CA ALA A 81 15.96 -15.54 -3.20
C ALA A 81 16.44 -15.96 -1.81
N GLN A 82 17.42 -15.22 -1.30
CA GLN A 82 18.02 -15.41 0.00
C GLN A 82 17.96 -14.06 0.73
N ILE A 83 17.19 -13.98 1.78
CA ILE A 83 16.87 -12.72 2.47
C ILE A 83 17.12 -12.87 3.97
N VAL A 84 17.71 -11.83 4.57
CA VAL A 84 17.84 -11.78 6.02
C VAL A 84 16.86 -10.78 6.58
N VAL A 85 16.09 -11.19 7.60
CA VAL A 85 15.23 -10.29 8.36
C VAL A 85 16.04 -9.77 9.55
N TYR A 86 16.27 -8.46 9.64
CA TYR A 86 17.22 -7.92 10.60
C TYR A 86 16.86 -6.51 11.02
N ASP A 87 15.77 -6.36 11.76
CA ASP A 87 15.39 -5.03 12.23
C ASP A 87 14.60 -5.05 13.53
N LEU A 88 14.93 -5.99 14.42
CA LEU A 88 14.36 -5.93 15.75
C LEU A 88 14.63 -4.62 16.44
N PRO A 89 13.67 -4.15 17.22
CA PRO A 89 13.90 -2.98 18.08
C PRO A 89 14.92 -3.38 19.13
N ASP A 90 15.72 -2.41 19.61
CA ASP A 90 16.84 -2.74 20.51
C ASP A 90 17.68 -3.91 19.92
N ARG A 91 18.00 -3.77 18.64
CA ARG A 91 18.83 -4.71 17.90
C ARG A 91 20.24 -4.77 18.44
N ASP A 92 20.88 -5.92 18.27
CA ASP A 92 22.31 -6.06 18.59
C ASP A 92 22.55 -5.72 20.04
N CYS A 93 21.78 -6.31 20.93
CA CYS A 93 21.67 -5.81 22.28
C CYS A 93 22.96 -5.89 23.10
N ALA A 94 23.88 -6.77 22.74
CA ALA A 94 25.11 -6.92 23.49
C ALA A 94 26.28 -6.15 22.89
N ALA A 95 26.02 -5.34 21.89
CA ALA A 95 27.09 -4.58 21.26
C ALA A 95 26.59 -3.20 20.85
N ALA A 96 27.49 -2.36 20.35
CA ALA A 96 27.12 -1.05 19.92
C ALA A 96 27.09 -0.88 18.39
N ALA A 97 27.80 -1.74 17.67
CA ALA A 97 28.17 -1.46 16.28
C ALA A 97 26.99 -1.48 15.31
N SER A 98 26.02 -2.38 15.56
CA SER A 98 24.91 -2.57 14.66
C SER A 98 23.56 -2.26 15.33
N ASN A 99 23.59 -1.35 16.31
CA ASN A 99 22.33 -0.80 16.84
C ASN A 99 21.47 -0.36 15.63
N GLY A 100 20.17 -0.61 15.71
CA GLY A 100 19.26 -0.31 14.63
C GLY A 100 18.41 0.92 14.81
N GLU A 101 17.50 1.11 13.86
CA GLU A 101 16.69 2.30 13.76
C GLU A 101 15.56 2.43 14.77
N TRP A 102 15.13 1.30 15.32
CA TRP A 102 13.98 1.23 16.22
C TRP A 102 14.36 0.85 17.66
N ALA A 103 13.63 1.42 18.59
CA ALA A 103 13.80 1.20 20.01
C ALA A 103 12.51 0.78 20.62
N ILE A 104 12.57 -0.17 21.54
CA ILE A 104 11.39 -0.64 22.23
C ILE A 104 10.69 0.58 22.91
N ALA A 105 11.46 1.51 23.45
CA ALA A 105 10.89 2.65 24.17
C ALA A 105 10.27 3.70 23.25
N ASN A 106 10.42 3.55 21.93
CA ASN A 106 9.77 4.47 20.99
C ASN A 106 8.99 3.71 19.92
N ASN A 107 8.05 2.90 20.41
CA ASN A 107 7.06 2.20 19.59
C ASN A 107 7.67 1.14 18.73
N GLY A 108 8.84 0.64 19.14
CA GLY A 108 9.53 -0.37 18.36
C GLY A 108 8.77 -1.67 18.08
N VAL A 109 8.05 -2.17 19.07
CA VAL A 109 7.29 -3.43 18.94
C VAL A 109 6.24 -3.29 17.82
N ASN A 110 5.40 -2.28 17.91
CA ASN A 110 4.45 -2.00 16.83
C ASN A 110 5.14 -1.81 15.47
N ASN A 111 6.23 -1.07 15.43
CA ASN A 111 6.94 -0.82 14.17
C ASN A 111 7.37 -2.17 13.54
N TYR A 112 7.88 -3.05 14.38
CA TYR A 112 8.40 -4.36 13.92
C TYR A 112 7.28 -5.26 13.43
N LYS A 113 6.19 -5.33 14.18
CA LYS A 113 5.05 -6.14 13.70
C LYS A 113 4.57 -5.66 12.33
N ALA A 114 4.50 -4.34 12.13
CA ALA A 114 4.13 -3.81 10.81
C ALA A 114 5.08 -4.20 9.68
N TYR A 115 6.39 -4.07 9.96
CA TYR A 115 7.48 -4.53 9.09
C TYR A 115 7.30 -6.00 8.71
N ILE A 116 7.06 -6.86 9.70
CA ILE A 116 6.86 -8.28 9.40
C ILE A 116 5.58 -8.45 8.56
N ASN A 117 4.51 -7.75 8.90
CA ASN A 117 3.27 -7.85 8.13
C ASN A 117 3.49 -7.47 6.67
N ARG A 118 4.29 -6.43 6.45
CA ARG A 118 4.51 -5.97 5.09
C ARG A 118 5.37 -6.95 4.31
N ILE A 119 6.37 -7.52 4.97
CA ILE A 119 7.19 -8.54 4.34
C ILE A 119 6.29 -9.71 3.93
N ARG A 120 5.39 -10.11 4.82
CA ARG A 120 4.46 -11.19 4.51
C ARG A 120 3.66 -10.87 3.25
N GLU A 121 3.07 -9.69 3.19
CA GLU A 121 2.28 -9.30 2.02
C GLU A 121 3.08 -9.35 0.72
N ILE A 122 4.34 -8.93 0.79
CA ILE A 122 5.22 -8.91 -0.37
C ILE A 122 5.57 -10.34 -0.78
N LEU A 123 5.86 -11.18 0.21
CA LEU A 123 6.17 -12.60 -0.09
C LEU A 123 4.93 -13.31 -0.62
N ILE A 124 3.75 -12.99 -0.12
CA ILE A 124 2.53 -13.57 -0.72
C ILE A 124 2.40 -13.18 -2.19
N SER A 125 2.68 -11.91 -2.50
CA SER A 125 2.52 -11.41 -3.88
C SER A 125 3.52 -12.07 -4.80
N PHE A 126 4.65 -12.46 -4.23
CA PHE A 126 5.72 -13.17 -4.95
C PHE A 126 5.82 -14.63 -4.52
N SER A 127 4.67 -15.26 -4.31
CA SER A 127 4.62 -16.69 -3.95
C SER A 127 5.17 -17.61 -5.03
N ASP A 128 5.29 -17.12 -6.27
CA ASP A 128 5.95 -17.85 -7.33
C ASP A 128 7.49 -17.89 -7.26
N VAL A 129 8.09 -17.18 -6.33
CA VAL A 129 9.52 -17.13 -6.16
C VAL A 129 9.90 -17.81 -4.85
N ARG A 130 10.63 -18.93 -4.97
CA ARG A 130 11.13 -19.61 -3.79
C ARG A 130 12.02 -18.69 -2.98
N THR A 131 11.74 -18.56 -1.70
CA THR A 131 12.38 -17.61 -0.84
C THR A 131 12.91 -18.30 0.42
N ILE A 132 14.18 -18.08 0.67
CA ILE A 132 14.86 -18.59 1.85
C ILE A 132 15.18 -17.41 2.78
N LEU A 133 14.79 -17.52 4.04
CA LEU A 133 14.98 -16.45 5.01
C LEU A 133 15.86 -16.85 6.20
N VAL A 134 16.76 -15.95 6.60
CA VAL A 134 17.43 -16.04 7.90
C VAL A 134 16.76 -15.03 8.81
N ILE A 135 16.32 -15.50 9.97
CA ILE A 135 15.60 -14.67 10.92
C ILE A 135 16.54 -14.15 12.02
N GLU A 136 16.74 -12.86 11.99
CA GLU A 136 17.35 -12.06 13.07
C GLU A 136 18.63 -12.59 13.68
N PRO A 137 19.70 -12.48 12.92
CA PRO A 137 21.02 -12.79 13.46
C PRO A 137 21.27 -12.19 14.82
N ASP A 138 21.81 -13.04 15.71
CA ASP A 138 22.33 -12.70 17.05
C ASP A 138 21.24 -12.65 18.14
N SER A 139 19.97 -12.44 17.76
CA SER A 139 18.92 -12.16 18.72
C SER A 139 18.80 -13.24 19.79
N LEU A 140 18.47 -14.43 19.39
CA LEU A 140 18.28 -15.51 20.35
C LEU A 140 19.54 -15.97 21.00
N ALA A 141 20.65 -15.94 20.27
CA ALA A 141 21.93 -16.24 20.89
C ALA A 141 22.22 -15.30 22.05
N ASN A 142 21.93 -14.01 21.89
CA ASN A 142 22.02 -13.08 23.01
C ASN A 142 21.10 -13.44 24.18
N MET A 143 19.93 -13.99 23.89
CA MET A 143 19.01 -14.40 24.95
C MET A 143 19.57 -15.59 25.73
N VAL A 144 20.40 -16.41 25.08
CA VAL A 144 21.06 -17.51 25.78
C VAL A 144 22.16 -17.02 26.75
N THR A 145 23.09 -16.20 26.26
CA THR A 145 24.29 -15.90 27.01
C THR A 145 24.40 -14.51 27.59
N ASN A 146 23.53 -13.58 27.19
CA ASN A 146 23.67 -12.18 27.60
C ASN A 146 22.54 -11.53 28.39
N MET A 147 21.85 -12.34 29.18
CA MET A 147 20.83 -11.79 30.11
C MET A 147 21.43 -10.87 31.20
N ASN A 148 22.74 -10.93 31.38
CA ASN A 148 23.44 -10.03 32.31
C ASN A 148 23.66 -8.59 31.72
N VAL A 149 23.41 -8.42 30.42
CA VAL A 149 23.52 -7.13 29.74
C VAL A 149 22.17 -6.40 29.83
N PRO A 150 22.10 -5.22 30.45
CA PRO A 150 20.81 -4.53 30.61
C PRO A 150 19.99 -4.41 29.31
N LYS A 151 20.60 -4.06 28.18
CA LYS A 151 19.81 -3.93 26.96
C LYS A 151 19.19 -5.28 26.54
N CYS A 152 19.92 -6.36 26.75
CA CYS A 152 19.43 -7.68 26.33
C CYS A 152 18.34 -8.17 27.29
N SER A 153 18.59 -8.09 28.59
CA SER A 153 17.56 -8.51 29.56
C SER A 153 16.30 -7.70 29.37
N GLY A 154 16.45 -6.41 29.04
CA GLY A 154 15.32 -5.50 28.85
C GLY A 154 14.51 -5.80 27.59
N ALA A 155 15.18 -6.37 26.59
CA ALA A 155 14.59 -6.76 25.29
C ALA A 155 14.11 -8.21 25.23
N ALA A 156 14.39 -9.01 26.23
CA ALA A 156 14.20 -10.48 26.11
C ALA A 156 12.74 -10.87 25.81
N SER A 157 11.83 -10.29 26.57
CA SER A 157 10.43 -10.63 26.41
C SER A 157 9.95 -10.19 25.03
N THR A 158 10.44 -9.03 24.58
CA THR A 158 10.13 -8.48 23.27
C THR A 158 10.69 -9.36 22.17
N TYR A 159 11.97 -9.76 22.30
CA TYR A 159 12.56 -10.67 21.32
C TYR A 159 11.76 -11.96 21.19
N ARG A 160 11.36 -12.50 22.31
CA ARG A 160 10.61 -13.74 22.29
C ARG A 160 9.25 -13.54 21.57
N GLU A 161 8.52 -12.50 21.94
CA GLU A 161 7.20 -12.24 21.36
C GLU A 161 7.32 -12.01 19.83
N LEU A 162 8.33 -11.21 19.43
CA LEU A 162 8.49 -10.80 18.03
C LEU A 162 9.05 -11.93 17.16
N THR A 163 9.84 -12.83 17.75
CA THR A 163 10.34 -13.99 17.03
C THR A 163 9.18 -14.94 16.68
N ILE A 164 8.40 -15.28 17.68
CA ILE A 164 7.20 -16.09 17.44
C ILE A 164 6.27 -15.41 16.42
N TYR A 165 6.05 -14.08 16.56
CA TYR A 165 5.23 -13.34 15.60
C TYR A 165 5.76 -13.54 14.16
N ALA A 166 7.06 -13.37 13.97
CA ALA A 166 7.71 -13.53 12.66
C ALA A 166 7.63 -14.95 12.12
N LEU A 167 7.86 -15.95 12.97
CA LEU A 167 7.78 -17.33 12.51
C LEU A 167 6.38 -17.70 12.01
N LYS A 168 5.32 -17.23 12.68
CA LYS A 168 3.95 -17.50 12.25
C LYS A 168 3.56 -16.70 11.03
N GLN A 169 3.99 -15.45 10.97
CA GLN A 169 3.52 -14.59 9.89
C GLN A 169 4.22 -14.92 8.58
N LEU A 170 5.46 -15.39 8.67
CA LEU A 170 6.24 -15.69 7.46
C LEU A 170 6.17 -17.18 7.12
N ASP A 171 5.24 -17.91 7.76
CA ASP A 171 5.05 -19.35 7.50
C ASP A 171 4.15 -19.54 6.28
N LEU A 172 4.80 -19.51 5.12
CA LEU A 172 4.11 -19.41 3.83
C LEU A 172 4.60 -20.58 3.01
N PRO A 173 3.76 -21.05 2.09
CA PRO A 173 4.08 -22.28 1.35
C PRO A 173 5.37 -22.31 0.55
N HIS A 174 5.90 -21.16 0.10
CA HIS A 174 7.10 -21.09 -0.72
C HIS A 174 8.32 -20.57 0.00
N VAL A 175 8.21 -20.47 1.33
CA VAL A 175 9.24 -19.94 2.18
C VAL A 175 9.89 -21.04 3.01
N ALA A 176 11.21 -20.94 3.14
CA ALA A 176 11.93 -21.72 4.14
C ALA A 176 12.58 -20.72 5.09
N MET A 177 12.43 -20.94 6.39
CA MET A 177 13.05 -20.08 7.38
C MET A 177 14.10 -20.84 8.17
N TYR A 178 15.19 -20.15 8.45
CA TYR A 178 16.23 -20.60 9.38
C TYR A 178 16.43 -19.55 10.46
N MET A 179 16.16 -19.91 11.72
CA MET A 179 16.44 -19.00 12.82
C MET A 179 17.95 -18.92 13.02
N ASP A 180 18.48 -17.73 13.29
CA ASP A 180 19.91 -17.61 13.61
C ASP A 180 20.23 -18.31 14.91
N ALA A 181 21.35 -19.06 14.94
CA ALA A 181 21.73 -19.81 16.14
C ALA A 181 23.22 -19.65 16.47
N GLY A 182 23.70 -18.39 16.39
CA GLY A 182 25.07 -18.12 16.82
C GLY A 182 26.09 -18.91 16.03
N HIS A 183 27.08 -19.49 16.71
CA HIS A 183 28.14 -20.27 16.02
C HIS A 183 28.88 -21.14 17.06
N ALA A 184 29.80 -21.99 16.61
CA ALA A 184 30.50 -22.90 17.49
C ALA A 184 31.14 -22.25 18.69
N GLY A 185 31.71 -21.05 18.52
CA GLY A 185 32.36 -20.35 19.61
C GLY A 185 31.49 -19.44 20.46
N TRP A 186 30.18 -19.55 20.27
CA TRP A 186 29.21 -18.78 21.02
C TRP A 186 28.36 -19.79 21.75
N LEU A 187 27.46 -20.48 21.03
CA LEU A 187 26.52 -21.42 21.66
C LEU A 187 27.07 -22.84 21.73
N GLY A 188 28.15 -23.11 21.04
CA GLY A 188 28.69 -24.47 20.98
C GLY A 188 29.53 -24.85 22.18
N TRP A 189 29.91 -23.85 22.99
CA TRP A 189 30.59 -24.13 24.24
C TRP A 189 29.71 -25.07 25.06
N PRO A 190 30.30 -26.11 25.63
CA PRO A 190 29.57 -27.07 26.48
C PRO A 190 28.58 -26.47 27.49
N ALA A 191 28.93 -25.33 28.07
CA ALA A 191 28.11 -24.69 29.10
C ALA A 191 26.89 -23.94 28.51
N ASN A 192 26.95 -23.62 27.22
CA ASN A 192 25.89 -22.87 26.52
C ASN A 192 25.00 -23.72 25.65
N ILE A 193 25.47 -24.89 25.24
CA ILE A 193 24.76 -25.60 24.21
C ILE A 193 23.41 -26.22 24.61
N GLN A 194 23.27 -26.70 25.84
CA GLN A 194 22.00 -27.24 26.31
C GLN A 194 20.96 -26.14 26.54
N PRO A 195 21.31 -25.06 27.22
CA PRO A 195 20.32 -23.99 27.37
C PRO A 195 19.94 -23.36 26.00
N ALA A 196 20.88 -23.34 25.04
CA ALA A 196 20.56 -22.95 23.67
C ALA A 196 19.52 -23.85 23.08
N ALA A 197 19.73 -25.17 23.17
CA ALA A 197 18.78 -26.11 22.61
C ALA A 197 17.39 -25.99 23.24
N GLU A 198 17.37 -25.72 24.55
CA GLU A 198 16.12 -25.53 25.26
C GLU A 198 15.35 -24.33 24.72
N LEU A 199 16.07 -23.23 24.50
CA LEU A 199 15.45 -22.00 24.07
C LEU A 199 14.91 -22.15 22.65
N PHE A 200 15.72 -22.64 21.71
CA PHE A 200 15.28 -22.72 20.33
C PHE A 200 14.11 -23.69 20.17
N ALA A 201 14.17 -24.82 20.85
CA ALA A 201 13.08 -25.78 20.77
C ALA A 201 11.81 -25.24 21.40
N LYS A 202 11.92 -24.46 22.47
CA LYS A 202 10.72 -23.91 23.09
C LYS A 202 10.10 -22.86 22.19
N ILE A 203 10.92 -22.03 21.55
CA ILE A 203 10.40 -21.00 20.63
C ILE A 203 9.66 -21.73 19.50
N TYR A 204 10.28 -22.78 18.99
CA TYR A 204 9.69 -23.56 17.90
C TYR A 204 8.34 -24.12 18.30
N GLU A 205 8.25 -24.75 19.47
CA GLU A 205 7.00 -25.28 19.95
C GLU A 205 5.98 -24.16 20.17
N ASP A 206 6.41 -23.05 20.74
CA ASP A 206 5.45 -21.99 21.09
C ASP A 206 4.93 -21.30 19.85
N ALA A 207 5.67 -21.41 18.73
CA ALA A 207 5.26 -20.86 17.45
C ALA A 207 4.28 -21.80 16.73
N GLY A 208 4.00 -22.95 17.32
CA GLY A 208 3.15 -23.98 16.70
C GLY A 208 3.85 -24.83 15.69
N LYS A 209 5.19 -24.88 15.76
CA LYS A 209 6.04 -25.68 14.85
C LYS A 209 5.67 -25.39 13.37
N PRO A 210 5.83 -24.14 12.94
CA PRO A 210 5.38 -23.79 11.60
C PRO A 210 6.14 -24.61 10.55
N ARG A 211 5.39 -25.13 9.59
CA ARG A 211 5.94 -25.94 8.50
C ARG A 211 7.13 -25.30 7.81
N ALA A 212 7.10 -23.99 7.62
CA ALA A 212 8.14 -23.28 6.88
C ALA A 212 9.44 -23.16 7.62
N VAL A 213 9.43 -23.42 8.93
CA VAL A 213 10.70 -23.42 9.73
C VAL A 213 11.48 -24.68 9.45
N ARG A 214 12.55 -24.52 8.70
CA ARG A 214 13.40 -25.59 8.25
C ARG A 214 14.49 -25.91 9.28
N GLY A 215 14.91 -24.91 10.03
CA GLY A 215 15.99 -25.11 10.99
C GLY A 215 16.68 -23.87 11.40
N LEU A 216 18.01 -23.91 11.43
CA LEU A 216 18.83 -22.87 12.04
C LEU A 216 19.97 -22.51 11.11
N ALA A 217 20.45 -21.27 11.24
CA ALA A 217 21.61 -20.81 10.51
C ALA A 217 22.74 -20.65 11.53
N THR A 218 23.94 -21.03 11.16
CA THR A 218 25.12 -20.82 12.03
C THR A 218 26.24 -20.06 11.35
N ASN A 219 27.07 -19.43 12.17
CA ASN A 219 28.28 -18.74 11.72
C ASN A 219 28.01 -17.44 10.98
N VAL A 220 26.80 -16.91 11.11
CA VAL A 220 26.45 -15.71 10.37
C VAL A 220 27.32 -14.54 10.81
N ALA A 221 27.96 -13.86 9.86
CA ALA A 221 28.88 -12.76 10.15
C ALA A 221 30.08 -13.14 11.03
N ASN A 222 30.39 -14.42 11.07
CA ASN A 222 31.57 -14.88 11.78
C ASN A 222 32.47 -15.67 10.80
N TYR A 223 33.48 -16.36 11.33
CA TYR A 223 34.62 -16.78 10.53
C TYR A 223 34.98 -18.25 10.69
N ASN A 224 34.17 -19.00 11.43
CA ASN A 224 34.56 -20.33 11.82
C ASN A 224 34.66 -21.25 10.60
N ALA A 225 35.52 -22.23 10.73
CA ALA A 225 35.63 -23.30 9.75
C ALA A 225 34.37 -24.18 9.79
N TRP A 226 33.99 -24.70 8.63
CA TRP A 226 33.06 -25.82 8.61
C TRP A 226 33.77 -27.01 9.23
N SER A 227 34.93 -27.38 8.72
CA SER A 227 35.62 -28.57 9.20
C SER A 227 37.13 -28.41 9.03
N VAL A 228 37.83 -28.48 10.15
CA VAL A 228 39.30 -28.49 10.15
C VAL A 228 39.78 -29.65 10.98
N SER A 229 41.01 -30.11 10.70
CA SER A 229 41.55 -31.31 11.30
C SER A 229 42.06 -31.12 12.74
N SER A 230 42.30 -29.89 13.16
CA SER A 230 42.82 -29.63 14.51
C SER A 230 42.23 -28.30 14.98
N PRO A 231 41.98 -28.15 16.28
CA PRO A 231 41.39 -26.92 16.78
C PRO A 231 42.29 -25.71 16.60
N PRO A 232 41.81 -24.62 16.02
CA PRO A 232 42.59 -23.38 16.08
C PRO A 232 42.87 -22.98 17.55
N PRO A 233 44.04 -22.40 17.82
CA PRO A 233 44.44 -22.13 19.20
C PRO A 233 43.43 -21.37 20.01
N TYR A 234 42.81 -20.38 19.39
CA TYR A 234 41.84 -19.51 20.07
C TYR A 234 40.54 -20.27 20.43
N THR A 235 40.33 -21.46 19.92
CA THR A 235 39.14 -22.24 20.25
C THR A 235 39.26 -23.07 21.53
N SER A 236 40.48 -23.29 22.06
CA SER A 236 40.63 -24.17 23.22
C SER A 236 40.01 -23.55 24.49
N PRO A 237 39.41 -24.33 25.37
CA PRO A 237 39.22 -25.80 25.28
C PRO A 237 37.83 -26.31 24.77
N ASN A 238 37.17 -25.54 23.93
CA ASN A 238 35.89 -25.97 23.36
C ASN A 238 36.08 -27.20 22.48
N PRO A 239 35.46 -28.34 22.80
CA PRO A 239 35.54 -29.51 21.92
C PRO A 239 34.82 -29.26 20.58
N ASN A 240 33.87 -28.32 20.54
CA ASN A 240 33.18 -27.94 19.30
C ASN A 240 33.88 -26.74 18.68
N TYR A 241 35.00 -27.03 18.03
CA TYR A 241 35.88 -26.00 17.53
C TYR A 241 35.67 -25.61 16.07
N ASP A 242 34.71 -26.25 15.43
CA ASP A 242 34.27 -25.87 14.12
C ASP A 242 32.77 -26.13 13.99
N GLU A 243 32.18 -25.71 12.89
CA GLU A 243 30.73 -25.74 12.74
C GLU A 243 30.20 -27.17 12.65
N LYS A 244 30.95 -28.06 12.02
CA LYS A 244 30.54 -29.45 11.98
C LYS A 244 30.41 -30.04 13.36
N HIS A 245 31.41 -29.82 14.23
CA HIS A 245 31.32 -30.37 15.61
C HIS A 245 30.09 -29.79 16.33
N TYR A 246 29.94 -28.45 16.23
CA TYR A 246 28.80 -27.75 16.84
C TYR A 246 27.48 -28.37 16.40
N ILE A 247 27.31 -28.50 15.10
CA ILE A 247 26.07 -28.99 14.54
C ILE A 247 25.78 -30.42 14.90
N GLU A 248 26.81 -31.27 14.86
CA GLU A 248 26.64 -32.67 15.26
C GLU A 248 26.30 -32.85 16.76
N ALA A 249 26.71 -31.90 17.60
CA ALA A 249 26.37 -31.89 19.03
C ALA A 249 25.02 -31.26 19.27
N PHE A 250 24.67 -30.26 18.46
CA PHE A 250 23.49 -29.42 18.72
C PHE A 250 22.22 -30.10 18.25
N ARG A 251 22.25 -30.65 17.05
CA ARG A 251 21.09 -31.29 16.46
C ARG A 251 20.44 -32.35 17.36
N PRO A 252 21.18 -33.34 17.89
CA PRO A 252 20.56 -34.30 18.79
C PRO A 252 19.86 -33.63 19.97
N LEU A 253 20.42 -32.58 20.53
CA LEU A 253 19.78 -31.94 21.69
C LEU A 253 18.47 -31.25 21.27
N LEU A 254 18.49 -30.62 20.10
CA LEU A 254 17.27 -29.98 19.59
C LEU A 254 16.18 -31.00 19.26
N GLU A 255 16.59 -32.08 18.60
CA GLU A 255 15.65 -33.10 18.15
C GLU A 255 14.98 -33.77 19.36
N ALA A 256 15.75 -34.00 20.41
CA ALA A 256 15.24 -34.59 21.64
C ALA A 256 14.18 -33.70 22.33
N ARG A 257 14.24 -32.38 22.04
CA ARG A 257 13.26 -31.40 22.50
C ARG A 257 12.23 -30.98 21.46
N GLY A 258 12.06 -31.79 20.41
CA GLY A 258 10.97 -31.60 19.45
C GLY A 258 11.26 -30.77 18.21
N PHE A 259 12.53 -30.37 18.02
CA PHE A 259 12.91 -29.52 16.88
C PHE A 259 14.05 -30.14 16.08
N PRO A 260 13.73 -30.93 15.05
CA PRO A 260 14.73 -31.63 14.24
C PRO A 260 15.34 -30.71 13.18
N ALA A 261 16.06 -29.71 13.64
CA ALA A 261 16.51 -28.60 12.80
C ALA A 261 17.50 -29.08 11.73
N GLN A 262 17.32 -28.62 10.50
CA GLN A 262 18.37 -28.71 9.48
C GLN A 262 19.16 -27.41 9.55
N PHE A 263 20.36 -27.38 9.01
CA PHE A 263 21.23 -26.24 9.21
C PHE A 263 21.72 -25.65 7.87
N ILE A 264 21.94 -24.36 7.88
CA ILE A 264 22.81 -23.71 6.88
C ILE A 264 23.96 -23.05 7.61
N VAL A 265 25.11 -22.97 6.95
CA VAL A 265 26.32 -22.48 7.62
C VAL A 265 26.97 -21.39 6.79
N ASP A 266 27.15 -20.20 7.37
CA ASP A 266 27.83 -19.11 6.70
C ASP A 266 29.29 -19.51 6.53
N GLN A 267 29.79 -19.45 5.30
CA GLN A 267 31.22 -19.63 5.01
C GLN A 267 31.86 -18.45 4.24
N GLY A 268 31.15 -17.33 4.17
CA GLY A 268 31.60 -16.20 3.40
C GLY A 268 32.91 -15.62 3.81
N ARG A 269 33.29 -15.77 5.08
CA ARG A 269 34.58 -15.22 5.56
C ARG A 269 35.38 -16.28 6.30
N SER A 270 35.23 -17.52 5.84
CA SER A 270 35.82 -18.70 6.50
C SER A 270 36.94 -19.39 5.76
N GLY A 271 37.37 -18.80 4.66
CA GLY A 271 38.33 -19.47 3.78
C GLY A 271 39.72 -19.68 4.36
N LYS A 272 40.19 -18.80 5.26
CA LYS A 272 41.50 -18.90 5.89
C LYS A 272 41.39 -19.36 7.36
N GLN A 273 42.02 -20.48 7.65
CA GLN A 273 41.98 -21.07 8.99
C GLN A 273 43.36 -21.55 9.41
N PRO A 274 43.80 -21.27 10.64
CA PRO A 274 43.13 -20.37 11.56
C PRO A 274 43.07 -18.95 11.03
N THR A 275 42.14 -18.17 11.57
CA THR A 275 42.07 -16.76 11.28
C THR A 275 43.13 -16.02 12.09
N GLY A 276 43.13 -14.70 11.97
CA GLY A 276 44.02 -13.85 12.76
C GLY A 276 43.41 -13.36 14.06
N GLN A 277 42.31 -13.96 14.47
CA GLN A 277 41.67 -13.60 15.73
C GLN A 277 42.59 -13.99 16.89
N LYS A 278 42.84 -13.05 17.79
CA LYS A 278 43.64 -13.35 19.00
C LYS A 278 42.83 -14.11 20.04
N GLU A 279 41.55 -13.80 20.13
CA GLU A 279 40.58 -14.50 20.96
C GLU A 279 39.35 -14.82 20.13
N TRP A 280 38.65 -15.90 20.45
CA TRP A 280 37.56 -16.35 19.59
C TRP A 280 36.36 -15.39 19.55
N GLY A 281 36.21 -14.62 20.63
CA GLY A 281 35.12 -13.67 20.75
C GLY A 281 35.37 -12.35 20.04
N HIS A 282 36.48 -12.27 19.32
CA HIS A 282 36.78 -11.08 18.55
C HIS A 282 36.11 -11.17 17.18
N TRP A 283 34.93 -10.57 17.07
CA TRP A 283 34.05 -10.70 15.90
C TRP A 283 34.19 -9.56 14.89
N CYS A 284 34.78 -8.43 15.29
CA CYS A 284 34.72 -7.25 14.44
C CYS A 284 35.88 -7.11 13.44
N ASN A 285 35.54 -7.12 12.13
CA ASN A 285 36.51 -6.88 11.06
C ASN A 285 37.82 -7.64 11.32
N ALA A 286 37.74 -8.92 11.62
CA ALA A 286 38.92 -9.70 12.02
C ALA A 286 39.94 -9.80 10.89
N ILE A 287 41.19 -9.59 11.24
CA ILE A 287 42.27 -9.77 10.27
C ILE A 287 42.53 -11.25 10.01
N GLY A 288 43.24 -11.52 8.92
CA GLY A 288 43.61 -12.88 8.56
C GLY A 288 42.51 -13.80 8.11
N THR A 289 41.45 -13.23 7.54
CA THR A 289 40.34 -13.98 7.03
C THR A 289 40.27 -13.89 5.51
N GLY A 290 39.56 -14.85 4.93
CA GLY A 290 39.38 -14.94 3.48
C GLY A 290 38.00 -15.39 3.10
N PHE A 291 37.60 -15.04 1.88
CA PHE A 291 36.41 -15.62 1.29
C PHE A 291 36.52 -17.15 1.33
N GLY A 292 35.44 -17.83 1.68
CA GLY A 292 35.44 -19.29 1.84
C GLY A 292 34.67 -20.06 0.78
N MET A 293 34.25 -21.27 1.15
CA MET A 293 33.57 -22.18 0.24
C MET A 293 32.34 -21.49 -0.35
N ARG A 294 32.16 -21.66 -1.65
CA ARG A 294 31.07 -21.01 -2.34
C ARG A 294 29.75 -21.69 -1.98
N PRO A 295 28.67 -20.90 -1.99
CA PRO A 295 27.37 -21.46 -1.69
C PRO A 295 27.09 -22.69 -2.52
N THR A 296 26.58 -23.70 -1.86
CA THR A 296 26.21 -24.95 -2.46
C THR A 296 25.31 -25.76 -1.53
N ALA A 297 24.42 -26.55 -2.13
CA ALA A 297 23.66 -27.58 -1.42
C ALA A 297 24.43 -28.88 -1.25
N ASN A 298 25.58 -29.02 -1.88
CA ASN A 298 26.35 -30.27 -1.83
C ASN A 298 27.26 -30.27 -0.62
N THR A 299 26.71 -30.51 0.57
CA THR A 299 27.47 -30.33 1.80
C THR A 299 28.14 -31.60 2.26
N GLY A 300 27.65 -32.75 1.79
CA GLY A 300 28.12 -34.02 2.24
C GLY A 300 27.70 -34.36 3.66
N HIS A 301 26.72 -33.62 4.23
CA HIS A 301 26.31 -33.84 5.61
C HIS A 301 24.81 -33.89 5.70
N GLN A 302 24.28 -34.91 6.37
CA GLN A 302 22.82 -35.05 6.36
C GLN A 302 22.08 -33.92 7.05
N TYR A 303 22.72 -33.23 7.99
CA TYR A 303 22.02 -32.21 8.79
C TYR A 303 22.18 -30.82 8.23
N VAL A 304 22.93 -30.69 7.13
CA VAL A 304 23.29 -29.35 6.61
C VAL A 304 22.71 -29.21 5.20
N ASP A 305 21.72 -28.34 5.04
CA ASP A 305 21.11 -28.09 3.76
C ASP A 305 22.05 -27.40 2.77
N ALA A 306 22.92 -26.53 3.29
CA ALA A 306 23.77 -25.74 2.40
C ALA A 306 24.82 -25.03 3.16
N PHE A 307 25.95 -24.82 2.47
CA PHE A 307 26.87 -23.77 2.80
C PHE A 307 26.44 -22.53 2.07
N VAL A 308 26.45 -21.43 2.79
CA VAL A 308 25.91 -20.17 2.29
C VAL A 308 26.86 -19.00 2.57
N TRP A 309 26.64 -17.87 1.92
CA TRP A 309 27.29 -16.60 2.30
C TRP A 309 26.19 -15.66 2.81
N VAL A 310 26.09 -15.53 4.13
CA VAL A 310 25.05 -14.69 4.72
C VAL A 310 25.54 -13.27 4.86
N LYS A 311 26.60 -13.07 5.63
CA LYS A 311 27.24 -11.78 5.73
C LYS A 311 28.02 -11.53 4.44
N PRO A 312 27.73 -10.45 3.70
CA PRO A 312 28.48 -10.17 2.46
C PRO A 312 29.86 -9.57 2.79
N GLY A 313 30.90 -10.30 2.49
CA GLY A 313 32.27 -9.88 2.80
C GLY A 313 32.64 -8.58 2.10
N GLY A 314 33.13 -7.62 2.88
CA GLY A 314 33.37 -6.30 2.39
C GLY A 314 32.52 -5.28 3.08
N GLU A 315 31.32 -5.69 3.50
CA GLU A 315 30.46 -4.82 4.31
C GLU A 315 30.93 -4.91 5.75
N CYS A 316 31.22 -3.75 6.31
CA CYS A 316 31.86 -3.62 7.60
C CYS A 316 31.03 -4.18 8.74
N ASP A 317 31.71 -4.63 9.79
CA ASP A 317 31.06 -5.12 11.01
C ASP A 317 30.85 -4.01 12.04
N GLY A 318 31.54 -2.87 11.86
CA GLY A 318 31.47 -1.79 12.83
C GLY A 318 32.57 -0.78 12.71
N THR A 319 32.27 0.45 13.07
CA THR A 319 33.25 1.52 12.99
C THR A 319 34.37 1.39 13.99
N SER A 320 35.58 1.77 13.57
CA SER A 320 36.71 1.87 14.51
C SER A 320 36.93 3.30 15.02
N ASP A 321 36.03 4.21 14.66
CA ASP A 321 36.11 5.60 15.11
C ASP A 321 35.65 5.65 16.57
N THR A 322 36.57 5.91 17.49
CA THR A 322 36.25 5.91 18.92
C THR A 322 35.28 6.98 19.35
N THR A 323 35.09 8.02 18.52
CA THR A 323 34.14 9.10 18.85
C THR A 323 32.72 8.86 18.34
N ALA A 324 32.50 7.81 17.55
CA ALA A 324 31.18 7.53 16.94
C ALA A 324 30.22 6.92 17.97
N ALA A 325 28.95 7.19 17.73
CA ALA A 325 27.89 6.73 18.59
C ALA A 325 27.88 5.23 18.69
N ARG A 326 28.13 4.58 17.56
CA ARG A 326 28.09 3.12 17.47
C ARG A 326 29.45 2.48 17.65
N TYR A 327 30.42 3.18 18.21
CA TYR A 327 31.74 2.60 18.49
C TYR A 327 31.58 1.49 19.54
N ASP A 328 32.09 0.32 19.17
CA ASP A 328 32.20 -0.86 20.02
C ASP A 328 33.67 -1.21 20.19
N TYR A 329 34.12 -1.42 21.42
CA TYR A 329 35.52 -1.71 21.64
C TYR A 329 36.05 -2.91 20.85
N HIS A 330 35.19 -3.86 20.48
CA HIS A 330 35.67 -4.98 19.66
C HIS A 330 36.27 -4.53 18.33
N CYS A 331 35.80 -3.41 17.83
CA CYS A 331 36.26 -2.86 16.57
C CYS A 331 37.54 -2.01 16.66
N GLY A 332 38.02 -1.77 17.88
CA GLY A 332 39.27 -1.06 18.09
C GLY A 332 40.41 -1.96 18.49
N LEU A 333 40.16 -3.26 18.55
CA LEU A 333 41.14 -4.21 19.02
C LEU A 333 42.27 -4.39 18.01
N GLU A 334 43.36 -4.99 18.47
CA GLU A 334 44.60 -5.11 17.70
C GLU A 334 44.40 -5.97 16.45
N ASP A 335 43.42 -6.88 16.54
CA ASP A 335 43.11 -7.81 15.46
C ASP A 335 41.89 -7.45 14.63
N ALA A 336 41.46 -6.21 14.75
CA ALA A 336 40.38 -5.66 13.95
C ALA A 336 41.05 -4.74 12.94
N LEU A 337 40.71 -4.89 11.67
CA LEU A 337 41.26 -4.01 10.63
C LEU A 337 40.69 -2.60 10.71
N LYS A 338 41.58 -1.63 10.54
CA LYS A 338 41.24 -0.21 10.74
C LYS A 338 41.96 0.64 9.70
N PRO A 339 41.46 1.85 9.43
CA PRO A 339 40.21 2.37 9.98
C PRO A 339 39.03 1.76 9.27
N ALA A 340 37.95 1.54 10.03
CA ALA A 340 36.75 0.88 9.55
C ALA A 340 35.57 1.83 9.62
N PRO A 341 34.74 1.83 8.58
CA PRO A 341 33.56 2.71 8.54
C PRO A 341 32.38 2.12 9.37
N GLU A 342 31.21 2.72 9.30
CA GLU A 342 30.07 2.19 10.02
C GLU A 342 29.72 0.78 9.59
N ALA A 343 29.12 0.02 10.49
CA ALA A 343 28.61 -1.30 10.16
C ALA A 343 27.70 -1.22 8.94
N GLY A 344 27.94 -2.13 8.01
CA GLY A 344 27.21 -2.25 6.78
C GLY A 344 27.81 -1.45 5.63
N GLN A 345 28.64 -0.46 5.93
CA GLN A 345 29.21 0.37 4.89
C GLN A 345 30.40 -0.42 4.28
N TRP A 346 30.72 -0.07 3.05
CA TRP A 346 31.82 -0.70 2.35
C TRP A 346 33.16 -0.39 3.00
N PHE A 347 33.92 -1.45 3.22
CA PHE A 347 35.25 -1.41 3.82
C PHE A 347 36.22 -2.02 2.81
N ASN A 348 36.71 -1.18 1.93
CA ASN A 348 37.47 -1.69 0.81
C ASN A 348 38.75 -2.46 1.18
N GLU A 349 39.50 -1.99 2.17
CA GLU A 349 40.71 -2.70 2.53
C GLU A 349 40.37 -4.09 3.06
N TYR A 350 39.20 -4.21 3.69
CA TYR A 350 38.74 -5.53 4.19
C TYR A 350 38.39 -6.45 3.06
N PHE A 351 37.70 -5.89 2.09
CA PHE A 351 37.34 -6.64 0.88
C PHE A 351 38.60 -7.20 0.21
N ILE A 352 39.61 -6.35 0.05
CA ILE A 352 40.90 -6.78 -0.51
C ILE A 352 41.57 -7.91 0.29
N GLN A 353 41.59 -7.79 1.61
CA GLN A 353 42.06 -8.89 2.46
C GLN A 353 41.34 -10.18 2.17
N LEU A 354 40.01 -10.14 2.11
CA LEU A 354 39.22 -11.33 1.80
C LEU A 354 39.53 -11.93 0.44
N LEU A 355 39.79 -11.08 -0.55
CA LEU A 355 40.19 -11.57 -1.88
C LEU A 355 41.55 -12.24 -1.83
N ARG A 356 42.50 -11.60 -1.17
CA ARG A 356 43.86 -12.14 -1.06
C ARG A 356 43.88 -13.51 -0.42
N ASN A 357 43.05 -13.70 0.59
CA ASN A 357 43.04 -14.91 1.41
C ASN A 357 41.96 -15.90 0.98
N ALA A 358 41.32 -15.63 -0.15
CA ALA A 358 40.19 -16.45 -0.59
C ALA A 358 40.63 -17.91 -0.80
N ASN A 359 39.83 -18.83 -0.30
CA ASN A 359 40.06 -20.26 -0.51
C ASN A 359 38.70 -20.96 -0.59
N PRO A 360 38.33 -21.50 -1.75
CA PRO A 360 39.14 -21.49 -2.96
C PRO A 360 39.35 -20.06 -3.52
N PRO A 361 40.47 -19.89 -4.19
CA PRO A 361 40.83 -18.58 -4.74
C PRO A 361 39.97 -18.20 -5.94
N PHE A 362 39.95 -16.90 -6.24
CA PHE A 362 39.23 -16.35 -7.38
C PHE A 362 40.12 -16.24 -8.59
N ASN B 2 -6.76 28.58 -5.96
CA ASN B 2 -5.66 27.94 -6.70
C ASN B 2 -5.48 26.45 -6.33
N GLY B 3 -5.83 26.11 -5.09
CA GLY B 3 -5.60 24.77 -4.65
C GLY B 3 -6.69 23.82 -5.10
N ASN B 4 -6.27 22.70 -5.67
CA ASN B 4 -7.17 21.55 -5.86
C ASN B 4 -7.65 21.00 -4.52
N PRO B 5 -8.95 21.08 -4.23
CA PRO B 5 -9.41 20.66 -2.90
C PRO B 5 -9.32 19.16 -2.65
N PHE B 6 -9.08 18.36 -3.68
CA PHE B 6 -8.85 16.92 -3.54
C PHE B 6 -7.39 16.50 -3.29
N GLU B 7 -6.47 17.46 -3.38
CA GLU B 7 -5.06 17.23 -3.09
C GLU B 7 -4.80 17.46 -1.60
N GLY B 8 -4.01 16.58 -0.99
CA GLY B 8 -3.63 16.74 0.40
C GLY B 8 -4.64 16.33 1.46
N VAL B 9 -5.65 15.59 1.02
CA VAL B 9 -6.68 15.02 1.88
C VAL B 9 -7.01 13.59 1.49
N GLN B 10 -7.53 12.83 2.45
CA GLN B 10 -8.21 11.57 2.14
C GLN B 10 -9.71 11.87 2.12
N LEU B 11 -10.43 11.13 1.29
CA LEU B 11 -11.89 11.36 1.20
C LEU B 11 -12.63 10.45 2.16
N TRP B 12 -13.44 11.02 3.03
CA TRP B 12 -14.21 10.24 4.00
C TRP B 12 -15.25 9.44 3.30
N ALA B 13 -15.32 8.15 3.62
CA ALA B 13 -16.39 7.25 3.12
C ALA B 13 -17.48 7.29 4.15
N ASN B 14 -18.67 7.78 3.79
CA ASN B 14 -19.70 8.00 4.79
C ASN B 14 -20.36 6.69 5.26
N ASN B 15 -20.94 6.75 6.45
CA ASN B 15 -21.51 5.55 7.05
C ASN B 15 -22.89 5.19 6.49
N TYR B 16 -23.52 6.11 5.74
CA TYR B 16 -24.88 5.86 5.24
C TYR B 16 -24.84 4.87 4.07
N TYR B 17 -23.94 5.08 3.13
CA TYR B 17 -23.72 4.09 2.07
C TYR B 17 -23.22 2.78 2.66
N ARG B 18 -22.27 2.87 3.60
CA ARG B 18 -21.76 1.63 4.21
C ARG B 18 -22.92 0.82 4.85
N SER B 19 -23.81 1.55 5.55
CA SER B 19 -24.96 0.94 6.22
C SER B 19 -25.93 0.28 5.24
N GLU B 20 -26.17 0.92 4.09
CA GLU B 20 -27.02 0.35 3.08
C GLU B 20 -26.42 -0.97 2.60
N VAL B 21 -25.14 -0.96 2.30
CA VAL B 21 -24.51 -2.17 1.76
C VAL B 21 -24.49 -3.31 2.80
N HIS B 22 -24.16 -3.01 4.05
CA HIS B 22 -24.04 -4.03 5.05
C HIS B 22 -25.36 -4.52 5.64
N THR B 23 -26.38 -3.65 5.72
CA THR B 23 -27.64 -4.04 6.31
C THR B 23 -28.66 -4.53 5.31
N LEU B 24 -28.53 -4.11 4.05
CA LEU B 24 -29.52 -4.42 3.02
C LEU B 24 -28.96 -5.32 1.95
N ALA B 25 -27.78 -5.01 1.42
CA ALA B 25 -27.23 -5.80 0.30
C ALA B 25 -26.57 -7.08 0.70
N ILE B 26 -25.57 -7.00 1.57
CA ILE B 26 -24.81 -8.19 1.90
C ILE B 26 -25.61 -9.37 2.47
N PRO B 27 -26.59 -9.15 3.34
CA PRO B 27 -27.38 -10.26 3.83
C PRO B 27 -28.24 -10.95 2.75
N GLN B 28 -28.41 -10.33 1.58
CA GLN B 28 -29.08 -10.94 0.43
C GLN B 28 -28.14 -11.50 -0.63
N ILE B 29 -26.84 -11.43 -0.42
CA ILE B 29 -25.89 -11.92 -1.39
C ILE B 29 -25.27 -13.19 -0.83
N THR B 30 -25.35 -14.30 -1.56
CA THR B 30 -24.82 -15.60 -1.12
C THR B 30 -23.39 -15.88 -1.61
N ASP B 31 -23.10 -15.45 -2.83
CA ASP B 31 -21.82 -15.82 -3.43
C ASP B 31 -20.72 -15.14 -2.60
N PRO B 32 -19.77 -15.91 -2.06
CA PRO B 32 -18.71 -15.36 -1.20
C PRO B 32 -17.87 -14.31 -1.84
N ALA B 33 -17.57 -14.45 -3.13
CA ALA B 33 -16.80 -13.42 -3.81
C ALA B 33 -17.54 -12.12 -3.90
N LEU B 34 -18.84 -12.17 -4.21
CA LEU B 34 -19.64 -10.97 -4.30
C LEU B 34 -19.82 -10.35 -2.92
N ARG B 35 -19.90 -11.16 -1.88
CA ARG B 35 -20.04 -10.60 -0.54
C ARG B 35 -18.79 -9.81 -0.15
N ALA B 36 -17.61 -10.38 -0.41
CA ALA B 36 -16.33 -9.71 -0.19
C ALA B 36 -16.25 -8.42 -1.04
N ALA B 37 -16.68 -8.49 -2.31
CA ALA B 37 -16.60 -7.37 -3.22
C ALA B 37 -17.50 -6.24 -2.71
N ALA B 38 -18.68 -6.62 -2.21
CA ALA B 38 -19.60 -5.63 -1.71
C ALA B 38 -19.04 -4.91 -0.51
N SER B 39 -18.36 -5.65 0.38
CA SER B 39 -17.77 -5.06 1.57
C SER B 39 -16.71 -4.03 1.19
N ALA B 40 -16.00 -4.31 0.11
CA ALA B 40 -14.96 -3.39 -0.36
C ALA B 40 -15.54 -2.13 -0.98
N VAL B 41 -16.63 -2.25 -1.75
CA VAL B 41 -17.23 -1.07 -2.38
C VAL B 41 -17.88 -0.17 -1.36
N ALA B 42 -18.33 -0.76 -0.26
CA ALA B 42 -18.87 0.00 0.85
C ALA B 42 -17.89 1.05 1.35
N GLU B 43 -16.60 0.80 1.18
CA GLU B 43 -15.56 1.72 1.62
C GLU B 43 -15.07 2.76 0.59
N VAL B 44 -15.59 2.73 -0.65
CA VAL B 44 -15.21 3.69 -1.67
C VAL B 44 -15.90 5.00 -1.29
N PRO B 45 -15.19 6.11 -1.22
CA PRO B 45 -15.81 7.37 -0.73
C PRO B 45 -16.61 8.13 -1.74
N SER B 46 -17.91 7.90 -1.72
CA SER B 46 -18.84 8.60 -2.59
C SER B 46 -19.47 9.75 -1.84
N PHE B 47 -20.09 10.67 -2.58
CA PHE B 47 -20.70 11.83 -1.98
C PHE B 47 -21.91 11.48 -1.15
N GLN B 48 -22.10 12.21 -0.07
CA GLN B 48 -23.32 12.18 0.73
C GLN B 48 -24.26 13.26 0.28
N TRP B 49 -25.53 12.92 0.15
CA TRP B 49 -26.52 13.79 -0.48
C TRP B 49 -27.45 14.35 0.55
N LEU B 50 -27.62 15.67 0.55
CA LEU B 50 -28.64 16.34 1.36
C LEU B 50 -29.95 16.51 0.57
N ASP B 51 -30.61 15.38 0.34
CA ASP B 51 -31.75 15.33 -0.60
C ASP B 51 -33.05 15.70 0.07
N ARG B 52 -33.04 15.76 1.41
CA ARG B 52 -34.18 16.24 2.19
C ARG B 52 -33.66 17.16 3.29
N ASN B 53 -34.46 18.14 3.66
CA ASN B 53 -34.09 19.09 4.67
C ASN B 53 -33.73 18.44 6.01
N VAL B 54 -34.44 17.38 6.38
CA VAL B 54 -34.13 16.68 7.63
C VAL B 54 -32.67 16.19 7.76
N THR B 55 -31.99 16.01 6.64
CA THR B 55 -30.58 15.53 6.67
C THR B 55 -29.58 16.57 7.18
N VAL B 56 -29.97 17.84 7.15
CA VAL B 56 -29.05 18.91 7.47
C VAL B 56 -28.62 18.86 8.94
N ASP B 57 -29.58 18.86 9.86
CA ASP B 57 -29.21 18.84 11.27
C ASP B 57 -28.95 17.44 11.82
N THR B 58 -29.07 16.41 10.98
CA THR B 58 -28.79 15.05 11.45
C THR B 58 -27.54 14.46 10.77
N LEU B 59 -27.71 13.96 9.56
CA LEU B 59 -26.65 13.24 8.85
C LEU B 59 -25.45 14.10 8.46
N LEU B 60 -25.68 15.39 8.15
CA LEU B 60 -24.56 16.27 7.82
C LEU B 60 -23.70 16.53 9.05
N VAL B 61 -24.34 16.89 10.16
CA VAL B 61 -23.66 17.08 11.42
C VAL B 61 -22.95 15.79 11.85
N GLN B 62 -23.59 14.65 11.73
CA GLN B 62 -22.95 13.43 12.15
C GLN B 62 -21.67 13.16 11.36
N THR B 63 -21.75 13.21 10.04
CA THR B 63 -20.53 13.05 9.19
C THR B 63 -19.42 14.03 9.52
N LEU B 64 -19.76 15.30 9.64
CA LEU B 64 -18.72 16.32 9.96
C LEU B 64 -18.11 16.06 11.34
N SER B 65 -18.91 15.58 12.28
CA SER B 65 -18.47 15.33 13.63
C SER B 65 -17.48 14.17 13.61
N GLU B 66 -17.82 13.18 12.83
CA GLU B 66 -16.94 12.01 12.68
C GLU B 66 -15.59 12.36 12.09
N ILE B 67 -15.60 13.18 11.03
CA ILE B 67 -14.38 13.58 10.36
C ILE B 67 -13.54 14.41 11.34
N ARG B 68 -14.17 15.36 12.02
CA ARG B 68 -13.43 16.11 13.04
C ARG B 68 -12.73 15.19 14.02
N GLU B 69 -13.44 14.18 14.54
CA GLU B 69 -12.82 13.29 15.54
C GLU B 69 -11.60 12.59 14.96
N ALA B 70 -11.76 12.06 13.75
CA ALA B 70 -10.72 11.30 13.08
C ALA B 70 -9.50 12.22 12.86
N ASN B 71 -9.74 13.47 12.49
CA ASN B 71 -8.65 14.39 12.20
C ASN B 71 -7.96 14.84 13.49
N GLN B 72 -8.71 15.08 14.54
CA GLN B 72 -8.08 15.40 15.81
C GLN B 72 -7.23 14.26 16.35
N ALA B 73 -7.58 13.02 16.01
CA ALA B 73 -6.80 11.83 16.42
C ALA B 73 -5.52 11.64 15.60
N GLY B 74 -5.36 12.43 14.55
CA GLY B 74 -4.13 12.45 13.79
C GLY B 74 -4.16 11.96 12.36
N ALA B 75 -5.34 11.80 11.77
CA ALA B 75 -5.43 11.29 10.41
C ALA B 75 -4.55 12.12 9.51
N ASN B 76 -3.72 11.45 8.72
CA ASN B 76 -2.76 12.13 7.88
C ASN B 76 -2.67 11.33 6.55
N PRO B 77 -3.08 11.90 5.42
CA PRO B 77 -3.71 13.21 5.31
C PRO B 77 -5.06 13.29 6.06
N GLN B 78 -5.41 14.50 6.45
CA GLN B 78 -6.74 14.77 7.01
C GLN B 78 -7.85 14.31 6.07
N TYR B 79 -8.97 13.93 6.66
CA TYR B 79 -10.16 13.59 5.93
C TYR B 79 -10.92 14.84 5.52
N ALA B 80 -11.53 14.77 4.35
CA ALA B 80 -12.42 15.82 3.82
C ALA B 80 -13.82 15.25 3.50
N ALA B 81 -14.81 16.13 3.60
CA ALA B 81 -16.22 15.76 3.37
C ALA B 81 -16.59 16.03 1.92
N GLN B 82 -17.49 15.20 1.38
CA GLN B 82 -18.03 15.39 0.02
C GLN B 82 -19.54 15.40 0.13
N ILE B 83 -20.18 16.49 -0.18
CA ILE B 83 -21.61 16.69 0.06
C ILE B 83 -22.31 17.20 -1.19
N VAL B 84 -23.49 16.66 -1.50
CA VAL B 84 -24.32 17.21 -2.57
C VAL B 84 -25.45 18.02 -1.95
N VAL B 85 -25.63 19.24 -2.45
CA VAL B 85 -26.77 20.09 -2.12
C VAL B 85 -27.84 19.79 -3.15
N TYR B 86 -28.99 19.25 -2.72
CA TYR B 86 -30.00 18.75 -3.68
C TYR B 86 -31.42 18.84 -3.14
N ASP B 87 -31.97 20.04 -3.06
CA ASP B 87 -33.32 20.16 -2.55
C ASP B 87 -33.99 21.42 -3.08
N LEU B 88 -33.67 21.78 -4.32
CA LEU B 88 -34.35 22.91 -4.94
C LEU B 88 -35.87 22.68 -4.90
N PRO B 89 -36.66 23.75 -4.78
CA PRO B 89 -38.10 23.57 -4.98
C PRO B 89 -38.37 23.33 -6.49
N ASP B 90 -39.38 22.51 -6.81
CA ASP B 90 -39.67 22.10 -8.19
C ASP B 90 -38.41 21.45 -8.77
N ARG B 91 -37.80 20.57 -7.96
CA ARG B 91 -36.64 19.79 -8.31
C ARG B 91 -36.91 18.83 -9.49
N ASP B 92 -35.85 18.56 -10.24
CA ASP B 92 -35.85 17.53 -11.30
C ASP B 92 -36.94 17.89 -12.31
N CYS B 93 -36.90 19.15 -12.75
CA CYS B 93 -38.05 19.75 -13.44
C CYS B 93 -38.42 19.08 -14.76
N ALA B 94 -37.46 18.39 -15.41
CA ALA B 94 -37.72 17.69 -16.68
C ALA B 94 -38.16 16.23 -16.55
N ALA B 95 -38.28 15.73 -15.33
CA ALA B 95 -38.58 14.31 -15.07
C ALA B 95 -39.52 14.23 -13.85
N ALA B 96 -40.04 13.04 -13.60
CA ALA B 96 -40.91 12.77 -12.47
C ALA B 96 -40.20 12.04 -11.31
N ALA B 97 -39.13 11.29 -11.60
CA ALA B 97 -38.57 10.32 -10.68
C ALA B 97 -37.99 10.88 -9.39
N SER B 98 -37.36 12.06 -9.46
CA SER B 98 -36.71 12.65 -8.29
C SER B 98 -37.33 13.99 -7.88
N ASN B 99 -38.62 14.19 -8.15
CA ASN B 99 -39.36 15.34 -7.58
C ASN B 99 -39.10 15.35 -6.06
N GLY B 100 -38.89 16.55 -5.56
CA GLY B 100 -38.54 16.80 -4.18
C GLY B 100 -39.69 17.17 -3.28
N GLU B 101 -39.33 17.49 -2.04
CA GLU B 101 -40.29 17.70 -1.01
C GLU B 101 -40.90 19.10 -1.05
N TRP B 102 -40.22 20.05 -1.74
CA TRP B 102 -40.70 21.44 -1.87
C TRP B 102 -41.10 21.88 -3.27
N ALA B 103 -42.12 22.73 -3.27
CA ALA B 103 -42.66 23.34 -4.49
C ALA B 103 -42.55 24.85 -4.40
N ILE B 104 -42.27 25.49 -5.52
CA ILE B 104 -42.28 26.96 -5.60
C ILE B 104 -43.62 27.52 -5.15
N ALA B 105 -44.71 26.87 -5.61
CA ALA B 105 -46.09 27.27 -5.27
C ALA B 105 -46.39 27.20 -3.78
N ASN B 106 -45.59 26.46 -3.01
CA ASN B 106 -45.88 26.26 -1.58
C ASN B 106 -44.69 26.62 -0.70
N ASN B 107 -44.32 27.89 -0.77
CA ASN B 107 -43.23 28.49 0.04
C ASN B 107 -41.85 27.88 -0.24
N GLY B 108 -41.67 27.33 -1.45
CA GLY B 108 -40.42 26.68 -1.79
C GLY B 108 -39.18 27.56 -1.71
N VAL B 109 -39.29 28.79 -2.16
CA VAL B 109 -38.16 29.71 -2.09
C VAL B 109 -37.73 29.97 -0.63
N ASN B 110 -38.69 30.35 0.23
CA ASN B 110 -38.37 30.55 1.64
C ASN B 110 -37.75 29.33 2.31
N ASN B 111 -38.35 28.17 2.05
CA ASN B 111 -37.82 26.92 2.60
C ASN B 111 -36.39 26.66 2.19
N TYR B 112 -36.09 26.80 0.89
CA TYR B 112 -34.74 26.60 0.37
C TYR B 112 -33.69 27.57 0.90
N LYS B 113 -34.05 28.84 0.97
CA LYS B 113 -33.14 29.84 1.49
C LYS B 113 -32.81 29.51 2.95
N ALA B 114 -33.77 29.03 3.74
CA ALA B 114 -33.50 28.65 5.12
C ALA B 114 -32.60 27.43 5.20
N TYR B 115 -32.84 26.48 4.26
CA TYR B 115 -32.03 25.29 4.12
C TYR B 115 -30.57 25.67 3.86
N ILE B 116 -30.35 26.53 2.88
CA ILE B 116 -29.00 27.04 2.57
C ILE B 116 -28.39 27.71 3.76
N ASN B 117 -29.16 28.57 4.42
CA ASN B 117 -28.66 29.32 5.56
C ASN B 117 -28.22 28.38 6.70
N ARG B 118 -28.97 27.29 6.88
CA ARG B 118 -28.64 26.37 7.95
C ARG B 118 -27.41 25.55 7.62
N ILE B 119 -27.30 25.11 6.36
CA ILE B 119 -26.07 24.46 5.92
C ILE B 119 -24.86 25.41 6.12
N ARG B 120 -24.98 26.69 5.74
CA ARG B 120 -23.92 27.66 5.99
C ARG B 120 -23.49 27.65 7.47
N GLU B 121 -24.48 27.72 8.39
CA GLU B 121 -24.21 27.74 9.81
C GLU B 121 -23.40 26.52 10.28
N ILE B 122 -23.82 25.36 9.79
CA ILE B 122 -23.19 24.09 10.12
C ILE B 122 -21.77 24.03 9.57
N LEU B 123 -21.60 24.45 8.33
CA LEU B 123 -20.25 24.44 7.72
C LEU B 123 -19.30 25.42 8.43
N ILE B 124 -19.83 26.55 8.90
CA ILE B 124 -19.02 27.54 9.63
C ILE B 124 -18.58 26.88 10.94
N SER B 125 -19.51 26.18 11.58
CA SER B 125 -19.22 25.57 12.85
C SER B 125 -18.18 24.48 12.70
N PHE B 126 -18.16 23.84 11.52
CA PHE B 126 -17.15 22.86 11.11
C PHE B 126 -16.13 23.35 10.09
N SER B 127 -15.65 24.60 10.26
CA SER B 127 -14.63 25.20 9.37
C SER B 127 -13.29 24.49 9.41
N ASP B 128 -13.08 23.73 10.48
CA ASP B 128 -11.89 22.90 10.57
C ASP B 128 -11.92 21.67 9.67
N VAL B 129 -13.05 21.39 9.04
CA VAL B 129 -13.17 20.24 8.16
C VAL B 129 -13.28 20.72 6.72
N ARG B 130 -12.34 20.36 5.87
CA ARG B 130 -12.43 20.69 4.44
C ARG B 130 -13.66 20.00 3.85
N THR B 131 -14.45 20.78 3.12
CA THR B 131 -15.74 20.33 2.61
C THR B 131 -15.85 20.66 1.13
N ILE B 132 -16.16 19.64 0.33
CA ILE B 132 -16.36 19.78 -1.09
C ILE B 132 -17.83 19.57 -1.38
N LEU B 133 -18.44 20.53 -2.08
CA LEU B 133 -19.85 20.51 -2.40
C LEU B 133 -20.09 20.42 -3.87
N VAL B 134 -21.08 19.63 -4.25
CA VAL B 134 -21.70 19.72 -5.57
C VAL B 134 -23.05 20.39 -5.42
N ILE B 135 -23.30 21.40 -6.23
CA ILE B 135 -24.49 22.23 -6.10
C ILE B 135 -25.52 21.83 -7.13
N GLU B 136 -26.62 21.25 -6.63
CA GLU B 136 -27.88 21.01 -7.34
C GLU B 136 -27.78 20.31 -8.75
N PRO B 137 -27.47 19.02 -8.77
CA PRO B 137 -27.47 18.25 -10.02
C PRO B 137 -28.72 18.48 -10.84
N ASP B 138 -28.48 18.66 -12.14
CA ASP B 138 -29.49 18.77 -13.20
C ASP B 138 -30.11 20.16 -13.35
N SER B 139 -30.01 21.00 -12.33
CA SER B 139 -30.78 22.25 -12.32
C SER B 139 -30.42 23.19 -13.47
N LEU B 140 -29.15 23.59 -13.56
CA LEU B 140 -28.77 24.52 -14.62
C LEU B 140 -28.75 23.86 -16.00
N ALA B 141 -28.46 22.56 -16.06
CA ALA B 141 -28.52 21.86 -17.36
C ALA B 141 -29.95 21.90 -17.92
N ASN B 142 -30.95 21.77 -17.05
CA ASN B 142 -32.34 21.88 -17.47
C ASN B 142 -32.70 23.29 -17.98
N MET B 143 -32.08 24.30 -17.37
CA MET B 143 -32.29 25.68 -17.81
C MET B 143 -31.74 25.92 -19.19
N VAL B 144 -30.73 25.17 -19.57
CA VAL B 144 -30.20 25.29 -20.91
C VAL B 144 -31.09 24.62 -21.95
N THR B 145 -31.50 23.37 -21.73
CA THR B 145 -32.15 22.61 -22.79
C THR B 145 -33.64 22.40 -22.68
N ASN B 146 -34.20 22.68 -21.53
CA ASN B 146 -35.58 22.27 -21.24
C ASN B 146 -36.48 23.46 -20.96
N MET B 147 -36.22 24.60 -21.59
CA MET B 147 -37.20 25.71 -21.45
C MET B 147 -38.55 25.40 -22.10
N ASN B 148 -38.57 24.41 -22.97
CA ASN B 148 -39.81 23.91 -23.56
C ASN B 148 -40.69 23.08 -22.57
N VAL B 149 -40.12 22.69 -21.43
CA VAL B 149 -40.86 21.91 -20.44
C VAL B 149 -41.45 22.91 -19.47
N PRO B 150 -42.78 22.98 -19.36
CA PRO B 150 -43.42 23.94 -18.46
C PRO B 150 -42.87 24.03 -17.03
N LYS B 151 -42.64 22.90 -16.36
CA LYS B 151 -42.10 22.95 -15.01
C LYS B 151 -40.72 23.63 -14.95
N CYS B 152 -39.89 23.38 -15.97
CA CYS B 152 -38.56 24.00 -16.01
C CYS B 152 -38.66 25.48 -16.33
N SER B 153 -39.43 25.82 -17.35
CA SER B 153 -39.57 27.24 -17.71
C SER B 153 -40.16 28.03 -16.53
N GLY B 154 -41.09 27.40 -15.81
CA GLY B 154 -41.71 27.98 -14.63
C GLY B 154 -40.75 28.20 -13.46
N ALA B 155 -39.72 27.37 -13.39
CA ALA B 155 -38.74 27.41 -12.30
C ALA B 155 -37.46 28.18 -12.65
N ALA B 156 -37.29 28.57 -13.92
CA ALA B 156 -36.03 29.18 -14.39
C ALA B 156 -35.58 30.34 -13.49
N SER B 157 -36.44 31.32 -13.24
CA SER B 157 -35.99 32.55 -12.57
C SER B 157 -35.65 32.20 -11.10
N THR B 158 -36.36 31.21 -10.57
CA THR B 158 -36.21 30.76 -9.20
C THR B 158 -34.92 30.02 -9.05
N TYR B 159 -34.67 29.08 -9.95
CA TYR B 159 -33.40 28.38 -9.97
C TYR B 159 -32.25 29.36 -10.04
N ARG B 160 -32.39 30.38 -10.86
CA ARG B 160 -31.34 31.38 -10.99
C ARG B 160 -31.07 32.09 -9.67
N GLU B 161 -32.12 32.61 -9.06
CA GLU B 161 -31.99 33.41 -7.85
C GLU B 161 -31.41 32.51 -6.74
N LEU B 162 -31.94 31.29 -6.64
CA LEU B 162 -31.52 30.36 -5.56
C LEU B 162 -30.10 29.86 -5.72
N THR B 163 -29.69 29.63 -6.96
CA THR B 163 -28.34 29.18 -7.22
C THR B 163 -27.35 30.29 -6.81
N ILE B 164 -27.60 31.49 -7.26
CA ILE B 164 -26.75 32.64 -6.86
C ILE B 164 -26.72 32.74 -5.32
N TYR B 165 -27.87 32.59 -4.70
CA TYR B 165 -27.96 32.62 -3.23
C TYR B 165 -27.06 31.56 -2.59
N ALA B 166 -27.14 30.34 -3.08
CA ALA B 166 -26.33 29.26 -2.55
C ALA B 166 -24.83 29.52 -2.70
N LEU B 167 -24.42 29.99 -3.88
CA LEU B 167 -23.00 30.23 -4.17
C LEU B 167 -22.46 31.33 -3.27
N LYS B 168 -23.26 32.35 -2.96
CA LYS B 168 -22.79 33.39 -2.06
C LYS B 168 -22.82 32.92 -0.60
N GLN B 169 -23.91 32.28 -0.19
CA GLN B 169 -24.01 31.82 1.19
C GLN B 169 -23.00 30.73 1.59
N LEU B 170 -22.57 29.92 0.65
CA LEU B 170 -21.71 28.77 0.98
C LEU B 170 -20.25 29.06 0.57
N ASP B 171 -20.01 30.32 0.22
CA ASP B 171 -18.67 30.84 -0.06
C ASP B 171 -17.93 31.09 1.24
N LEU B 172 -17.35 30.00 1.74
CA LEU B 172 -16.62 30.01 2.99
C LEU B 172 -15.19 29.56 2.77
N PRO B 173 -14.28 30.01 3.61
CA PRO B 173 -12.84 29.70 3.45
C PRO B 173 -12.41 28.25 3.29
N HIS B 174 -13.14 27.32 3.90
CA HIS B 174 -12.76 25.90 3.89
C HIS B 174 -13.59 25.05 2.89
N VAL B 175 -14.43 25.71 2.09
CA VAL B 175 -15.36 25.06 1.17
C VAL B 175 -14.83 25.18 -0.28
N ALA B 176 -15.04 24.13 -1.06
CA ALA B 176 -14.95 24.21 -2.52
C ALA B 176 -16.29 23.76 -3.10
N MET B 177 -16.82 24.55 -4.04
CA MET B 177 -18.08 24.28 -4.72
C MET B 177 -17.85 24.00 -6.18
N TYR B 178 -18.56 22.99 -6.66
CA TYR B 178 -18.64 22.70 -8.08
C TYR B 178 -20.11 22.76 -8.46
N MET B 179 -20.49 23.64 -9.37
CA MET B 179 -21.87 23.61 -9.86
C MET B 179 -22.07 22.37 -10.81
N ASP B 180 -23.20 21.70 -10.71
CA ASP B 180 -23.50 20.65 -11.67
C ASP B 180 -23.63 21.19 -13.09
N ALA B 181 -23.05 20.48 -14.06
CA ALA B 181 -23.01 20.88 -15.46
C ALA B 181 -23.37 19.74 -16.43
N GLY B 182 -24.38 18.97 -16.09
CA GLY B 182 -24.84 17.93 -17.00
C GLY B 182 -23.73 16.96 -17.35
N HIS B 183 -23.69 16.58 -18.60
CA HIS B 183 -22.72 15.61 -19.07
C HIS B 183 -22.55 15.74 -20.60
N ALA B 184 -21.63 14.95 -21.14
CA ALA B 184 -21.25 15.05 -22.55
C ALA B 184 -22.44 14.87 -23.46
N GLY B 185 -23.31 13.95 -23.06
CA GLY B 185 -24.45 13.56 -23.85
C GLY B 185 -25.63 14.49 -23.61
N TRP B 186 -25.44 15.51 -22.78
CA TRP B 186 -26.50 16.48 -22.49
C TRP B 186 -26.07 17.84 -23.04
N LEU B 187 -25.08 18.45 -22.37
CA LEU B 187 -24.67 19.82 -22.72
C LEU B 187 -23.47 19.81 -23.66
N GLY B 188 -22.86 18.65 -23.88
CA GLY B 188 -21.72 18.56 -24.77
C GLY B 188 -22.07 18.60 -26.23
N TRP B 189 -23.32 18.32 -26.58
CA TRP B 189 -23.74 18.43 -27.96
C TRP B 189 -23.39 19.82 -28.45
N PRO B 190 -22.79 19.93 -29.64
CA PRO B 190 -22.40 21.23 -30.22
C PRO B 190 -23.44 22.33 -30.11
N ALA B 191 -24.71 22.00 -30.28
CA ALA B 191 -25.76 23.03 -30.20
C ALA B 191 -26.02 23.52 -28.77
N ASN B 192 -25.75 22.67 -27.78
CA ASN B 192 -25.98 23.03 -26.38
C ASN B 192 -24.79 23.60 -25.64
N ILE B 193 -23.57 23.37 -26.14
CA ILE B 193 -22.39 23.71 -25.34
C ILE B 193 -22.16 25.24 -25.19
N GLN B 194 -22.44 26.01 -26.25
CA GLN B 194 -22.29 27.46 -26.20
C GLN B 194 -23.28 28.14 -25.25
N PRO B 195 -24.59 27.87 -25.38
CA PRO B 195 -25.54 28.40 -24.40
C PRO B 195 -25.26 27.91 -23.00
N ALA B 196 -24.79 26.68 -22.82
CA ALA B 196 -24.33 26.22 -21.50
C ALA B 196 -23.23 27.16 -20.98
N ALA B 197 -22.19 27.42 -21.78
CA ALA B 197 -21.07 28.23 -21.31
C ALA B 197 -21.58 29.62 -20.91
N GLU B 198 -22.48 30.19 -21.71
CA GLU B 198 -23.01 31.52 -21.46
C GLU B 198 -23.73 31.55 -20.12
N LEU B 199 -24.56 30.52 -19.88
CA LEU B 199 -25.33 30.43 -18.66
C LEU B 199 -24.46 30.30 -17.40
N PHE B 200 -23.52 29.35 -17.41
CA PHE B 200 -22.69 29.11 -16.24
C PHE B 200 -21.77 30.25 -15.92
N ALA B 201 -21.20 30.84 -16.96
CA ALA B 201 -20.34 31.97 -16.78
C ALA B 201 -21.11 33.18 -16.28
N LYS B 202 -22.34 33.36 -16.71
CA LYS B 202 -23.14 34.50 -16.27
C LYS B 202 -23.55 34.34 -14.78
N ILE B 203 -23.92 33.13 -14.39
CA ILE B 203 -24.27 32.82 -13.00
C ILE B 203 -23.05 33.09 -12.10
N TYR B 204 -21.89 32.66 -12.56
CA TYR B 204 -20.65 32.88 -11.82
C TYR B 204 -20.38 34.38 -11.63
N GLU B 205 -20.55 35.14 -12.70
CA GLU B 205 -20.40 36.59 -12.66
C GLU B 205 -21.42 37.22 -11.74
N ASP B 206 -22.68 36.82 -11.88
CA ASP B 206 -23.77 37.41 -11.10
C ASP B 206 -23.63 37.14 -9.60
N ALA B 207 -22.93 36.08 -9.26
CA ALA B 207 -22.66 35.69 -7.87
C ALA B 207 -21.40 36.37 -7.33
N GLY B 208 -20.78 37.22 -8.13
CA GLY B 208 -19.62 38.01 -7.73
C GLY B 208 -18.34 37.18 -7.74
N LYS B 209 -18.36 36.12 -8.52
CA LYS B 209 -17.21 35.24 -8.70
C LYS B 209 -16.64 34.77 -7.35
N PRO B 210 -17.45 34.05 -6.58
CA PRO B 210 -17.01 33.69 -5.24
C PRO B 210 -15.78 32.81 -5.28
N ARG B 211 -14.82 33.13 -4.39
CA ARG B 211 -13.56 32.40 -4.31
C ARG B 211 -13.74 30.91 -4.19
N ALA B 212 -14.75 30.51 -3.42
CA ALA B 212 -14.99 29.09 -3.17
C ALA B 212 -15.53 28.30 -4.35
N VAL B 213 -16.02 28.99 -5.38
CA VAL B 213 -16.46 28.28 -6.59
C VAL B 213 -15.22 27.84 -7.37
N ARG B 214 -15.01 26.54 -7.38
CA ARG B 214 -13.85 25.95 -7.99
C ARG B 214 -14.10 25.57 -9.43
N GLY B 215 -15.35 25.24 -9.75
CA GLY B 215 -15.74 24.91 -11.09
C GLY B 215 -17.05 24.17 -11.22
N LEU B 216 -17.02 23.09 -12.00
CA LEU B 216 -18.20 22.35 -12.44
C LEU B 216 -18.01 20.85 -12.21
N ALA B 217 -19.11 20.17 -11.95
CA ALA B 217 -19.18 18.71 -11.87
C ALA B 217 -19.86 18.14 -13.12
N THR B 218 -19.36 17.05 -13.68
CA THR B 218 -20.04 16.45 -14.85
C THR B 218 -20.32 14.97 -14.63
N ASN B 219 -21.25 14.44 -15.41
CA ASN B 219 -21.67 13.05 -15.39
C ASN B 219 -22.35 12.60 -14.12
N VAL B 220 -22.84 13.55 -13.30
CA VAL B 220 -23.43 13.18 -12.03
C VAL B 220 -24.66 12.32 -12.28
N ALA B 221 -24.66 11.13 -11.70
CA ALA B 221 -25.74 10.16 -11.87
C ALA B 221 -25.89 9.67 -13.31
N ASN B 222 -24.83 9.77 -14.10
CA ASN B 222 -24.87 9.22 -15.42
C ASN B 222 -23.73 8.25 -15.58
N TYR B 223 -23.45 7.87 -16.82
CA TYR B 223 -22.67 6.64 -17.07
C TYR B 223 -21.53 6.78 -18.04
N ASN B 224 -21.26 8.02 -18.47
CA ASN B 224 -20.34 8.27 -19.55
C ASN B 224 -18.93 7.88 -19.22
N ALA B 225 -18.17 7.48 -20.25
CA ALA B 225 -16.74 7.26 -20.10
C ALA B 225 -16.02 8.56 -19.83
N TRP B 226 -14.95 8.51 -19.04
CA TRP B 226 -14.01 9.61 -19.02
C TRP B 226 -13.35 9.67 -20.39
N SER B 227 -12.72 8.56 -20.82
CA SER B 227 -12.00 8.58 -22.06
C SER B 227 -11.99 7.18 -22.69
N VAL B 228 -12.61 7.07 -23.86
CA VAL B 228 -12.59 5.82 -24.60
C VAL B 228 -12.11 6.13 -25.99
N SER B 229 -11.52 5.16 -26.66
CA SER B 229 -10.86 5.41 -27.92
C SER B 229 -11.87 5.41 -29.05
N SER B 230 -13.02 4.79 -28.84
CA SER B 230 -14.03 4.77 -29.88
C SER B 230 -15.39 5.15 -29.31
N PRO B 231 -16.17 5.92 -30.08
CA PRO B 231 -17.45 6.41 -29.55
C PRO B 231 -18.43 5.29 -29.34
N PRO B 232 -19.04 5.19 -28.18
CA PRO B 232 -20.13 4.23 -28.01
C PRO B 232 -21.22 4.52 -29.06
N PRO B 233 -21.90 3.52 -29.62
CA PRO B 233 -22.82 3.76 -30.74
C PRO B 233 -23.95 4.77 -30.46
N TYR B 234 -24.45 4.78 -29.24
CA TYR B 234 -25.57 5.66 -28.85
C TYR B 234 -25.14 7.12 -28.77
N THR B 235 -23.83 7.39 -28.87
CA THR B 235 -23.33 8.77 -28.84
C THR B 235 -23.29 9.47 -30.19
N SER B 236 -23.28 8.72 -31.29
CA SER B 236 -23.19 9.34 -32.59
C SER B 236 -24.42 10.22 -32.88
N PRO B 237 -24.25 11.35 -33.55
CA PRO B 237 -22.96 11.89 -34.05
C PRO B 237 -22.25 12.98 -33.19
N ASN B 238 -22.47 12.99 -31.90
CA ASN B 238 -21.86 13.98 -31.02
C ASN B 238 -20.35 13.80 -30.96
N PRO B 239 -19.56 14.78 -31.43
CA PRO B 239 -18.10 14.65 -31.37
C PRO B 239 -17.59 14.58 -29.94
N ASN B 240 -18.36 15.14 -29.00
CA ASN B 240 -18.02 15.07 -27.59
C ASN B 240 -18.66 13.84 -26.98
N TYR B 241 -18.06 12.69 -27.23
CA TYR B 241 -18.68 11.40 -26.93
C TYR B 241 -18.21 10.84 -25.61
N ASP B 242 -17.29 11.53 -24.94
CA ASP B 242 -16.92 11.13 -23.59
C ASP B 242 -16.62 12.40 -22.78
N GLU B 243 -16.36 12.22 -21.51
CA GLU B 243 -16.29 13.41 -20.65
C GLU B 243 -15.02 14.24 -20.92
N LYS B 244 -13.94 13.57 -21.27
CA LYS B 244 -12.71 14.22 -21.70
C LYS B 244 -12.95 15.17 -22.89
N HIS B 245 -13.57 14.66 -23.96
CA HIS B 245 -13.90 15.53 -25.10
C HIS B 245 -14.79 16.72 -24.67
N TYR B 246 -15.83 16.44 -23.91
CA TYR B 246 -16.75 17.46 -23.41
C TYR B 246 -15.99 18.55 -22.68
N ILE B 247 -15.17 18.16 -21.71
CA ILE B 247 -14.48 19.14 -20.86
C ILE B 247 -13.43 19.98 -21.67
N GLU B 248 -12.76 19.33 -22.59
CA GLU B 248 -11.76 20.02 -23.42
C GLU B 248 -12.42 21.05 -24.35
N ALA B 249 -13.69 20.82 -24.70
CA ALA B 249 -14.42 21.76 -25.56
C ALA B 249 -15.09 22.84 -24.75
N PHE B 250 -15.54 22.46 -23.56
CA PHE B 250 -16.31 23.34 -22.65
C PHE B 250 -15.42 24.38 -21.96
N ARG B 251 -14.28 23.95 -21.43
CA ARG B 251 -13.46 24.85 -20.60
C ARG B 251 -13.04 26.13 -21.37
N PRO B 252 -12.54 26.02 -22.60
CA PRO B 252 -12.18 27.25 -23.34
C PRO B 252 -13.35 28.22 -23.50
N LEU B 253 -14.58 27.71 -23.71
CA LEU B 253 -15.74 28.59 -23.83
C LEU B 253 -16.05 29.27 -22.50
N LEU B 254 -16.00 28.51 -21.41
CA LEU B 254 -16.21 29.08 -20.09
C LEU B 254 -15.14 30.14 -19.75
N GLU B 255 -13.88 29.81 -20.00
CA GLU B 255 -12.78 30.69 -19.68
C GLU B 255 -12.87 32.01 -20.46
N ALA B 256 -13.27 31.93 -21.73
CA ALA B 256 -13.39 33.11 -22.59
C ALA B 256 -14.41 34.09 -22.05
N ARG B 257 -15.35 33.56 -21.27
CA ARG B 257 -16.40 34.33 -20.61
C ARG B 257 -16.18 34.61 -19.12
N GLY B 258 -14.95 34.47 -18.62
CA GLY B 258 -14.60 34.89 -17.26
C GLY B 258 -14.65 33.81 -16.18
N PHE B 259 -14.92 32.56 -16.58
CA PHE B 259 -15.06 31.42 -15.64
C PHE B 259 -14.12 30.26 -16.02
N PRO B 260 -12.89 30.25 -15.49
CA PRO B 260 -11.92 29.20 -15.78
C PRO B 260 -12.15 27.98 -14.87
N ALA B 261 -13.27 27.30 -15.11
CA ALA B 261 -13.73 26.24 -14.23
C ALA B 261 -12.80 25.04 -14.28
N GLN B 262 -12.47 24.49 -13.10
CA GLN B 262 -11.88 23.17 -13.01
C GLN B 262 -13.03 22.19 -12.84
N PHE B 263 -12.78 20.93 -13.14
CA PHE B 263 -13.87 19.98 -13.19
C PHE B 263 -13.66 18.80 -12.25
N ILE B 264 -14.77 18.25 -11.78
CA ILE B 264 -14.81 16.88 -11.26
C ILE B 264 -15.75 16.07 -12.10
N VAL B 265 -15.41 14.77 -12.29
CA VAL B 265 -16.19 13.87 -13.15
C VAL B 265 -16.66 12.61 -12.41
N ASP B 266 -17.96 12.43 -12.31
CA ASP B 266 -18.57 11.22 -11.73
C ASP B 266 -18.19 10.04 -12.60
N GLN B 267 -17.65 9.01 -11.98
CA GLN B 267 -17.34 7.75 -12.66
C GLN B 267 -17.86 6.51 -11.88
N GLY B 268 -18.76 6.72 -10.94
CA GLY B 268 -19.25 5.66 -10.13
C GLY B 268 -20.03 4.59 -10.84
N ARG B 269 -20.58 4.90 -12.00
CA ARG B 269 -21.31 3.90 -12.80
C ARG B 269 -20.81 3.86 -14.26
N SER B 270 -19.52 4.16 -14.42
CA SER B 270 -18.88 4.33 -15.74
C SER B 270 -17.92 3.21 -16.12
N GLY B 271 -17.81 2.20 -15.28
CA GLY B 271 -16.83 1.14 -15.50
C GLY B 271 -16.97 0.32 -16.78
N LYS B 272 -18.19 0.12 -17.26
CA LYS B 272 -18.42 -0.71 -18.43
C LYS B 272 -18.83 0.18 -19.60
N GLN B 273 -18.04 0.10 -20.67
CA GLN B 273 -18.25 0.91 -21.86
C GLN B 273 -18.10 0.05 -23.13
N PRO B 274 -19.05 0.16 -24.06
CA PRO B 274 -20.28 0.94 -23.91
C PRO B 274 -21.20 0.34 -22.86
N THR B 275 -22.15 1.14 -22.43
CA THR B 275 -23.19 0.68 -21.51
C THR B 275 -24.25 -0.10 -22.29
N GLY B 276 -25.31 -0.52 -21.60
CA GLY B 276 -26.46 -1.17 -22.23
C GLY B 276 -27.56 -0.17 -22.62
N GLN B 277 -27.26 1.12 -22.57
CA GLN B 277 -28.21 2.14 -23.03
C GLN B 277 -28.50 1.97 -24.53
N LYS B 278 -29.80 1.98 -24.87
CA LYS B 278 -30.21 1.88 -26.26
C LYS B 278 -30.13 3.23 -26.94
N GLU B 279 -30.46 4.27 -26.17
CA GLU B 279 -30.25 5.65 -26.57
C GLU B 279 -29.52 6.37 -25.45
N TRP B 280 -28.76 7.40 -25.80
CA TRP B 280 -27.94 8.13 -24.83
C TRP B 280 -28.76 8.86 -23.77
N GLY B 281 -29.99 9.29 -24.11
CA GLY B 281 -30.86 9.99 -23.18
C GLY B 281 -31.54 9.09 -22.15
N HIS B 282 -31.23 7.80 -22.19
CA HIS B 282 -31.81 6.80 -21.25
C HIS B 282 -30.97 6.75 -19.97
N TRP B 283 -31.39 7.55 -18.99
CA TRP B 283 -30.64 7.79 -17.76
C TRP B 283 -31.05 6.90 -16.60
N CYS B 284 -32.23 6.26 -16.68
CA CYS B 284 -32.79 5.63 -15.48
C CYS B 284 -32.41 4.15 -15.36
N ASN B 285 -31.63 3.83 -14.32
CA ASN B 285 -31.31 2.46 -13.95
C ASN B 285 -30.81 1.67 -15.15
N ALA B 286 -29.88 2.24 -15.89
CA ALA B 286 -29.49 1.64 -17.16
C ALA B 286 -28.81 0.27 -16.98
N ILE B 287 -29.17 -0.70 -17.80
CA ILE B 287 -28.52 -2.00 -17.74
C ILE B 287 -27.12 -1.91 -18.35
N GLY B 288 -26.29 -2.93 -18.10
CA GLY B 288 -24.99 -2.99 -18.74
C GLY B 288 -23.99 -2.01 -18.21
N THR B 289 -24.13 -1.60 -16.97
CA THR B 289 -23.19 -0.67 -16.33
C THR B 289 -22.43 -1.29 -15.17
N GLY B 290 -21.33 -0.66 -14.81
CA GLY B 290 -20.48 -1.14 -13.73
C GLY B 290 -19.87 -0.02 -12.93
N PHE B 291 -19.48 -0.32 -11.71
CA PHE B 291 -18.67 0.59 -10.95
C PHE B 291 -17.46 0.96 -11.76
N GLY B 292 -17.05 2.23 -11.73
CA GLY B 292 -15.92 2.71 -12.48
C GLY B 292 -14.69 3.13 -11.67
N MET B 293 -13.84 3.94 -12.28
CA MET B 293 -12.57 4.31 -11.70
C MET B 293 -12.77 4.85 -10.30
N ARG B 294 -11.89 4.47 -9.36
CA ARG B 294 -12.06 4.96 -7.98
C ARG B 294 -11.75 6.43 -7.86
N PRO B 295 -12.37 7.08 -6.87
CA PRO B 295 -12.10 8.50 -6.61
C PRO B 295 -10.60 8.73 -6.42
N THR B 296 -10.12 9.75 -7.12
CA THR B 296 -8.73 10.12 -7.09
C THR B 296 -8.50 11.51 -7.60
N ALA B 297 -7.49 12.19 -7.06
CA ALA B 297 -7.04 13.50 -7.54
C ALA B 297 -6.07 13.34 -8.70
N ASN B 298 -5.61 12.12 -8.92
CA ASN B 298 -4.60 11.84 -9.95
C ASN B 298 -5.25 11.57 -11.30
N THR B 299 -5.70 12.64 -11.96
CA THR B 299 -6.53 12.53 -13.15
C THR B 299 -5.73 12.53 -14.44
N GLY B 300 -4.47 12.94 -14.38
CA GLY B 300 -3.66 13.14 -15.56
C GLY B 300 -4.15 14.25 -16.49
N HIS B 301 -5.07 15.10 -16.02
CA HIS B 301 -5.60 16.16 -16.84
C HIS B 301 -5.63 17.50 -16.11
N GLN B 302 -5.00 18.50 -16.73
CA GLN B 302 -4.86 19.84 -16.19
C GLN B 302 -6.19 20.46 -15.71
N TYR B 303 -7.27 20.14 -16.38
CA TYR B 303 -8.59 20.77 -16.08
C TYR B 303 -9.48 20.01 -15.10
N VAL B 304 -9.04 18.82 -14.71
CA VAL B 304 -9.85 17.93 -13.90
C VAL B 304 -9.19 17.71 -12.56
N ASP B 305 -9.82 18.29 -11.55
CA ASP B 305 -9.34 18.15 -10.19
C ASP B 305 -9.45 16.73 -9.65
N ALA B 306 -10.50 16.00 -10.04
CA ALA B 306 -10.69 14.65 -9.49
C ALA B 306 -11.67 13.85 -10.27
N PHE B 307 -11.44 12.54 -10.33
CA PHE B 307 -12.51 11.62 -10.60
C PHE B 307 -13.19 11.28 -9.28
N VAL B 308 -14.51 11.28 -9.29
CA VAL B 308 -15.29 11.06 -8.08
C VAL B 308 -16.47 10.11 -8.26
N TRP B 309 -17.09 9.70 -7.14
CA TRP B 309 -18.34 8.94 -7.18
C TRP B 309 -19.36 9.86 -6.51
N VAL B 310 -20.19 10.53 -7.33
CA VAL B 310 -21.20 11.46 -6.82
C VAL B 310 -22.48 10.67 -6.55
N LYS B 311 -23.06 10.02 -7.58
CA LYS B 311 -24.25 9.18 -7.39
C LYS B 311 -23.77 7.86 -6.80
N PRO B 312 -24.29 7.46 -5.65
CA PRO B 312 -23.82 6.21 -5.01
C PRO B 312 -24.48 5.02 -5.67
N GLY B 313 -23.71 4.22 -6.38
CA GLY B 313 -24.27 3.10 -7.15
C GLY B 313 -25.00 2.13 -6.25
N GLY B 314 -26.22 1.75 -6.63
CA GLY B 314 -27.07 0.92 -5.81
C GLY B 314 -28.31 1.66 -5.34
N GLU B 315 -28.17 2.95 -5.21
CA GLU B 315 -29.33 3.80 -4.91
C GLU B 315 -30.07 4.10 -6.20
N CYS B 316 -31.34 3.76 -6.22
CA CYS B 316 -32.19 3.83 -7.40
C CYS B 316 -32.24 5.24 -8.05
N ASP B 317 -32.44 5.26 -9.36
CA ASP B 317 -32.70 6.49 -10.11
C ASP B 317 -34.19 6.83 -10.21
N GLY B 318 -35.05 5.86 -9.95
CA GLY B 318 -36.48 6.02 -10.19
C GLY B 318 -37.27 4.75 -10.19
N THR B 319 -38.51 4.86 -9.72
CA THR B 319 -39.38 3.70 -9.66
C THR B 319 -39.89 3.26 -11.05
N SER B 320 -40.02 1.96 -11.23
CA SER B 320 -40.56 1.37 -12.43
C SER B 320 -42.05 1.03 -12.28
N ASP B 321 -42.61 1.31 -11.12
CA ASP B 321 -44.04 1.17 -10.84
C ASP B 321 -44.87 2.24 -11.57
N THR B 322 -45.58 1.84 -12.63
CA THR B 322 -46.40 2.81 -13.40
C THR B 322 -47.55 3.48 -12.63
N THR B 323 -47.93 2.93 -11.49
CA THR B 323 -48.97 3.55 -10.67
C THR B 323 -48.45 4.61 -9.70
N ALA B 324 -47.13 4.69 -9.54
CA ALA B 324 -46.52 5.60 -8.54
C ALA B 324 -46.59 7.05 -8.99
N ALA B 325 -46.77 7.98 -8.04
CA ALA B 325 -46.74 9.39 -8.33
C ALA B 325 -45.50 9.83 -9.11
N ARG B 326 -44.32 9.29 -8.76
CA ARG B 326 -43.07 9.70 -9.38
C ARG B 326 -42.62 8.82 -10.53
N TYR B 327 -43.51 8.02 -11.09
CA TYR B 327 -43.14 7.19 -12.22
C TYR B 327 -42.76 8.09 -13.39
N ASP B 328 -41.60 7.81 -13.96
CA ASP B 328 -41.10 8.49 -15.16
C ASP B 328 -40.94 7.41 -16.23
N TYR B 329 -41.40 7.67 -17.45
CA TYR B 329 -41.30 6.63 -18.49
C TYR B 329 -39.88 6.13 -18.74
N HIS B 330 -38.87 6.94 -18.48
CA HIS B 330 -37.48 6.47 -18.68
C HIS B 330 -37.15 5.23 -17.86
N CYS B 331 -37.82 5.10 -16.73
CA CYS B 331 -37.56 4.00 -15.80
C CYS B 331 -38.33 2.75 -16.18
N GLY B 332 -39.17 2.87 -17.20
CA GLY B 332 -39.95 1.78 -17.74
C GLY B 332 -39.41 1.19 -19.02
N LEU B 333 -38.34 1.78 -19.53
CA LEU B 333 -37.80 1.38 -20.82
C LEU B 333 -37.16 0.00 -20.69
N GLU B 334 -36.95 -0.60 -21.87
CA GLU B 334 -36.43 -1.95 -22.03
C GLU B 334 -35.00 -2.08 -21.50
N ASP B 335 -34.26 -0.96 -21.52
CA ASP B 335 -32.89 -0.92 -20.98
C ASP B 335 -32.78 -0.34 -19.57
N ALA B 336 -33.90 -0.24 -18.85
CA ALA B 336 -33.91 0.14 -17.41
C ALA B 336 -34.15 -1.14 -16.61
N LEU B 337 -33.35 -1.38 -15.59
CA LEU B 337 -33.49 -2.59 -14.81
C LEU B 337 -34.73 -2.50 -13.94
N LYS B 338 -35.49 -3.60 -13.88
CA LYS B 338 -36.79 -3.62 -13.17
C LYS B 338 -37.03 -4.94 -12.44
N PRO B 339 -37.93 -4.99 -11.44
CA PRO B 339 -38.60 -3.82 -10.84
C PRO B 339 -37.67 -2.95 -10.00
N ALA B 340 -37.87 -1.64 -10.08
CA ALA B 340 -37.03 -0.64 -9.41
C ALA B 340 -37.85 0.11 -8.37
N PRO B 341 -37.28 0.36 -7.20
CA PRO B 341 -38.00 1.03 -6.13
C PRO B 341 -37.95 2.58 -6.36
N GLU B 342 -38.45 3.36 -5.42
CA GLU B 342 -38.36 4.81 -5.53
C GLU B 342 -36.92 5.34 -5.68
N ALA B 343 -36.74 6.44 -6.41
CA ALA B 343 -35.44 7.14 -6.48
C ALA B 343 -34.87 7.28 -5.09
N GLY B 344 -33.60 6.87 -5.00
CA GLY B 344 -32.81 6.93 -3.80
C GLY B 344 -32.92 5.74 -2.87
N GLN B 345 -33.93 4.90 -3.05
CA GLN B 345 -34.01 3.69 -2.26
C GLN B 345 -33.04 2.64 -2.81
N TRP B 346 -32.71 1.69 -1.96
CA TRP B 346 -31.75 0.68 -2.34
C TRP B 346 -32.36 -0.26 -3.40
N PHE B 347 -31.58 -0.53 -4.43
CA PHE B 347 -31.96 -1.37 -5.55
C PHE B 347 -30.90 -2.48 -5.67
N ASN B 348 -31.13 -3.54 -4.90
CA ASN B 348 -30.08 -4.53 -4.75
C ASN B 348 -29.68 -5.25 -6.02
N GLU B 349 -30.63 -5.55 -6.89
CA GLU B 349 -30.25 -6.14 -8.16
C GLU B 349 -29.36 -5.22 -8.97
N TYR B 350 -29.59 -3.92 -8.89
CA TYR B 350 -28.75 -2.95 -9.59
C TYR B 350 -27.33 -2.87 -8.99
N PHE B 351 -27.28 -2.95 -7.66
CA PHE B 351 -25.99 -2.97 -6.95
C PHE B 351 -25.20 -4.16 -7.44
N ILE B 352 -25.86 -5.30 -7.56
CA ILE B 352 -25.18 -6.50 -7.99
C ILE B 352 -24.67 -6.41 -9.42
N GLN B 353 -25.51 -5.84 -10.29
CA GLN B 353 -25.06 -5.59 -11.66
C GLN B 353 -23.78 -4.76 -11.65
N LEU B 354 -23.75 -3.67 -10.86
CA LEU B 354 -22.59 -2.80 -10.83
C LEU B 354 -21.34 -3.52 -10.35
N LEU B 355 -21.53 -4.38 -9.36
CA LEU B 355 -20.42 -5.17 -8.84
C LEU B 355 -19.88 -6.15 -9.84
N ARG B 356 -20.77 -6.85 -10.53
CA ARG B 356 -20.35 -7.82 -11.51
C ARG B 356 -19.58 -7.19 -12.65
N ASN B 357 -19.96 -5.97 -12.99
CA ASN B 357 -19.38 -5.25 -14.13
C ASN B 357 -18.31 -4.24 -13.72
N ALA B 358 -17.87 -4.27 -12.48
CA ALA B 358 -16.92 -3.29 -11.96
C ALA B 358 -15.61 -3.28 -12.75
N ASN B 359 -15.13 -2.08 -13.07
CA ASN B 359 -13.82 -1.90 -13.71
C ASN B 359 -13.14 -0.63 -13.21
N PRO B 360 -12.09 -0.73 -12.42
CA PRO B 360 -11.43 -1.99 -12.05
C PRO B 360 -12.27 -2.82 -11.08
N PRO B 361 -12.08 -4.12 -11.10
CA PRO B 361 -12.87 -5.04 -10.27
C PRO B 361 -12.56 -4.98 -8.79
N PHE B 362 -13.50 -5.47 -7.97
CA PHE B 362 -13.43 -5.51 -6.50
C PHE B 362 -13.12 -6.90 -5.92
#